data_2KTP
# 
_entry.id   2KTP 
# 
_audit_conform.dict_name       mmcif_pdbx.dic 
_audit_conform.dict_version    5.392 
_audit_conform.dict_location   http://mmcif.pdb.org/dictionaries/ascii/mmcif_pdbx.dic 
# 
loop_
_database_2.database_id 
_database_2.database_code 
_database_2.pdbx_database_accession 
_database_2.pdbx_DOI 
PDB   2KTP         pdb_00002ktp 10.2210/pdb2ktp/pdb 
RCSB  RCSB101561   ?            ?                   
WWPDB D_1000101561 ?            ?                   
# 
loop_
_pdbx_audit_revision_history.ordinal 
_pdbx_audit_revision_history.data_content_type 
_pdbx_audit_revision_history.major_revision 
_pdbx_audit_revision_history.minor_revision 
_pdbx_audit_revision_history.revision_date 
1 'Structure model' 1 0 2010-03-23 
2 'Structure model' 1 1 2011-07-13 
3 'Structure model' 1 2 2022-03-16 
4 'Structure model' 1 3 2024-05-22 
# 
_pdbx_audit_revision_details.ordinal             1 
_pdbx_audit_revision_details.revision_ordinal    1 
_pdbx_audit_revision_details.data_content_type   'Structure model' 
_pdbx_audit_revision_details.provider            repository 
_pdbx_audit_revision_details.type                'Initial release' 
_pdbx_audit_revision_details.description         ? 
_pdbx_audit_revision_details.details             ? 
# 
loop_
_pdbx_audit_revision_group.ordinal 
_pdbx_audit_revision_group.revision_ordinal 
_pdbx_audit_revision_group.data_content_type 
_pdbx_audit_revision_group.group 
1 2 'Structure model' 'Version format compliance' 
2 3 'Structure model' 'Data collection'           
3 3 'Structure model' 'Database references'       
4 3 'Structure model' 'Derived calculations'      
5 4 'Structure model' 'Data collection'           
# 
loop_
_pdbx_audit_revision_category.ordinal 
_pdbx_audit_revision_category.revision_ordinal 
_pdbx_audit_revision_category.data_content_type 
_pdbx_audit_revision_category.category 
1 3 'Structure model' database_2            
2 3 'Structure model' pdbx_nmr_software     
3 3 'Structure model' pdbx_nmr_spectrometer 
4 3 'Structure model' pdbx_struct_assembly  
5 3 'Structure model' pdbx_struct_oper_list 
6 3 'Structure model' struct_conn           
7 4 'Structure model' chem_comp_atom        
8 4 'Structure model' chem_comp_bond        
# 
loop_
_pdbx_audit_revision_item.ordinal 
_pdbx_audit_revision_item.revision_ordinal 
_pdbx_audit_revision_item.data_content_type 
_pdbx_audit_revision_item.item 
1 3 'Structure model' '_database_2.pdbx_DOI'                
2 3 'Structure model' '_database_2.pdbx_database_accession' 
3 3 'Structure model' '_pdbx_nmr_software.name'             
4 3 'Structure model' '_pdbx_nmr_spectrometer.model'        
5 3 'Structure model' '_struct_conn.pdbx_leaving_atom_flag' 
# 
_pdbx_database_status.deposit_site                    BMRB 
_pdbx_database_status.entry_id                        2KTP 
_pdbx_database_status.process_site                    RCSB 
_pdbx_database_status.recvd_initial_deposition_date   2010-02-05 
_pdbx_database_status.SG_entry                        ? 
_pdbx_database_status.status_code                     REL 
_pdbx_database_status.status_code_mr                  REL 
_pdbx_database_status.status_code_sf                  ? 
_pdbx_database_status.pdb_format_compatible           Y 
_pdbx_database_status.status_code_cs                  ? 
_pdbx_database_status.status_code_nmr_data            ? 
_pdbx_database_status.methods_development_category    ? 
# 
loop_
_audit_author.name 
_audit_author.pdbx_ordinal 
'Shanmugam, G.'    1 
'Kozekov, I.D.'    2 
'Guengerich, P.F.' 3 
'Rizzo, C.J.'      4 
'Stone, M.P.'      5 
# 
_citation.id                        primary 
_citation.title                     
;Structure of the 1,N(2)-etheno-2'-deoxyguanosine lesion in the 3'-G(epsilon dG)T-5' sequence opposite a one-base deletion.
;
_citation.journal_abbrev            Biochemistry 
_citation.journal_volume            49 
_citation.page_first                2615 
_citation.page_last                 2626 
_citation.year                      2010 
_citation.journal_id_ASTM           BICHAW 
_citation.country                   US 
_citation.journal_id_ISSN           0006-2960 
_citation.journal_id_CSD            0033 
_citation.book_publisher            ? 
_citation.pdbx_database_id_PubMed   20201499 
_citation.pdbx_database_id_DOI      10.1021/bi901516d 
# 
loop_
_citation_author.citation_id 
_citation_author.name 
_citation_author.ordinal 
_citation_author.identifier_ORCID 
primary 'Shanmugam, G.'    1 ? 
primary 'Kozekov, I.D.'    2 ? 
primary 'Guengerich, F.P.' 3 ? 
primary 'Rizzo, C.J.'      4 ? 
primary 'Stone, M.P.'      5 ? 
# 
loop_
_entity.id 
_entity.type 
_entity.src_method 
_entity.pdbx_description 
_entity.formula_weight 
_entity.pdbx_number_of_molecules 
_entity.pdbx_ec 
_entity.pdbx_mutation 
_entity.pdbx_fragment 
_entity.details 
1 polymer syn 
;DNA (5'-D(*CP*GP*CP*AP*TP*(GNE)P*GP*AP*AP*TP*CP*C)-3')
;
3671.415 1 ? ? ? ? 
2 polymer syn 
;DNA (5'-D(*GP*GP*AP*TP*TP*CP*AP*TP*GP*CP*G)-3')
;
3389.221 1 ? ? ? ? 
# 
loop_
_entity_poly.entity_id 
_entity_poly.type 
_entity_poly.nstd_linkage 
_entity_poly.nstd_monomer 
_entity_poly.pdbx_seq_one_letter_code 
_entity_poly.pdbx_seq_one_letter_code_can 
_entity_poly.pdbx_strand_id 
_entity_poly.pdbx_target_identifier 
1 polydeoxyribonucleotide no yes '(DC)(DG)(DC)(DA)(DT)(GNE)(DG)(DA)(DA)(DT)(DC)(DC)' CGCATNGAATCC A ? 
2 polydeoxyribonucleotide no no  '(DG)(DG)(DA)(DT)(DT)(DC)(DA)(DT)(DG)(DC)(DG)'      GGATTCATGCG  B ? 
# 
loop_
_entity_poly_seq.entity_id 
_entity_poly_seq.num 
_entity_poly_seq.mon_id 
_entity_poly_seq.hetero 
1 1  DC  n 
1 2  DG  n 
1 3  DC  n 
1 4  DA  n 
1 5  DT  n 
1 6  GNE n 
1 7  DG  n 
1 8  DA  n 
1 9  DA  n 
1 10 DT  n 
1 11 DC  n 
1 12 DC  n 
2 1  DG  n 
2 2  DG  n 
2 3  DA  n 
2 4  DT  n 
2 5  DT  n 
2 6  DC  n 
2 7  DA  n 
2 8  DT  n 
2 9  DG  n 
2 10 DC  n 
2 11 DG  n 
# 
loop_
_chem_comp.id 
_chem_comp.type 
_chem_comp.mon_nstd_flag 
_chem_comp.name 
_chem_comp.pdbx_synonyms 
_chem_comp.formula 
_chem_comp.formula_weight 
DA  'DNA linking' y "2'-DEOXYADENOSINE-5'-MONOPHOSPHATE" ? 'C10 H14 N5 O6 P' 331.222 
DC  'DNA linking' y "2'-DEOXYCYTIDINE-5'-MONOPHOSPHATE"  ? 'C9 H14 N3 O7 P'  307.197 
DG  'DNA linking' y "2'-DEOXYGUANOSINE-5'-MONOPHOSPHATE" ? 'C10 H14 N5 O7 P' 347.221 
DT  'DNA linking' y "THYMIDINE-5'-MONOPHOSPHATE"         ? 'C10 H15 N2 O8 P' 322.208 
GNE 'DNA linking' . 1,N2-ETHENOGUANINE                   ? 'C12 H14 N5 O7 P' 371.243 
# 
loop_
_pdbx_poly_seq_scheme.asym_id 
_pdbx_poly_seq_scheme.entity_id 
_pdbx_poly_seq_scheme.seq_id 
_pdbx_poly_seq_scheme.mon_id 
_pdbx_poly_seq_scheme.ndb_seq_num 
_pdbx_poly_seq_scheme.pdb_seq_num 
_pdbx_poly_seq_scheme.auth_seq_num 
_pdbx_poly_seq_scheme.pdb_mon_id 
_pdbx_poly_seq_scheme.auth_mon_id 
_pdbx_poly_seq_scheme.pdb_strand_id 
_pdbx_poly_seq_scheme.pdb_ins_code 
_pdbx_poly_seq_scheme.hetero 
A 1 1  DC  1  1  1  DC  DC  A . n 
A 1 2  DG  2  2  2  DG  DG  A . n 
A 1 3  DC  3  3  3  DC  DC  A . n 
A 1 4  DA  4  4  4  DA  DA  A . n 
A 1 5  DT  5  5  5  DT  DT  A . n 
A 1 6  GNE 6  6  6  GNE GNE A . n 
A 1 7  DG  7  7  7  DG  DG  A . n 
A 1 8  DA  8  8  8  DA  DA  A . n 
A 1 9  DA  9  9  9  DA  DA  A . n 
A 1 10 DT  10 10 10 DT  DT  A . n 
A 1 11 DC  11 11 11 DC  DC  A . n 
A 1 12 DC  12 12 12 DC  DC  A . n 
B 2 1  DG  1  13 13 DG  DG  B . n 
B 2 2  DG  2  14 14 DG  DG  B . n 
B 2 3  DA  3  15 15 DA  DA  B . n 
B 2 4  DT  4  16 16 DT  DT  B . n 
B 2 5  DT  5  17 17 DT  DT  B . n 
B 2 6  DC  6  18 18 DC  DC  B . n 
B 2 7  DA  7  19 19 DA  DA  B . n 
B 2 8  DT  8  20 20 DT  DT  B . n 
B 2 9  DG  9  21 21 DG  DG  B . n 
B 2 10 DC  10 22 22 DC  DC  B . n 
B 2 11 DG  11 23 23 DG  DG  B . n 
# 
_exptl.absorpt_coefficient_mu     ? 
_exptl.absorpt_correction_T_max   ? 
_exptl.absorpt_correction_T_min   ? 
_exptl.absorpt_correction_type    ? 
_exptl.absorpt_process_details    ? 
_exptl.crystals_number            ? 
_exptl.details                    ? 
_exptl.entry_id                   2KTP 
_exptl.method                     'SOLUTION NMR' 
_exptl.method_details             ? 
# 
_struct.entry_id                  2KTP 
_struct.title                     'Structure of the 1,N2-ethenodeoxyguanosine lesion opposite a one-base deletion in duplex DNA' 
_struct.pdbx_model_details        'closest to the average, model 1' 
_struct.pdbx_CASP_flag            ? 
_struct.pdbx_model_type_details   ? 
# 
_struct_keywords.entry_id        2KTP 
_struct_keywords.pdbx_keywords   DNA 
_struct_keywords.text            'Ethenoguanine, one-base deletion, DNA' 
# 
loop_
_struct_asym.id 
_struct_asym.pdbx_blank_PDB_chainid_flag 
_struct_asym.pdbx_modified 
_struct_asym.entity_id 
_struct_asym.details 
A N N 1 ? 
B N N 2 ? 
# 
loop_
_struct_ref.id 
_struct_ref.db_name 
_struct_ref.db_code 
_struct_ref.pdbx_db_accession 
_struct_ref.entity_id 
_struct_ref.pdbx_align_begin 
_struct_ref.pdbx_seq_one_letter_code 
_struct_ref.pdbx_db_isoform 
1 PDB 2KTP 2KTP 1 ? CGCATNGAATCC ? 
2 PDB 2KTP 2KTP 2 ? GGATTCATGCG  ? 
# 
loop_
_struct_ref_seq.align_id 
_struct_ref_seq.ref_id 
_struct_ref_seq.pdbx_PDB_id_code 
_struct_ref_seq.pdbx_strand_id 
_struct_ref_seq.seq_align_beg 
_struct_ref_seq.pdbx_seq_align_beg_ins_code 
_struct_ref_seq.seq_align_end 
_struct_ref_seq.pdbx_seq_align_end_ins_code 
_struct_ref_seq.pdbx_db_accession 
_struct_ref_seq.db_align_beg 
_struct_ref_seq.pdbx_db_align_beg_ins_code 
_struct_ref_seq.db_align_end 
_struct_ref_seq.pdbx_db_align_end_ins_code 
_struct_ref_seq.pdbx_auth_seq_align_beg 
_struct_ref_seq.pdbx_auth_seq_align_end 
1 1 2KTP A 1 ? 12 ? 2KTP 1  ? 12 ? 1  12 
2 2 2KTP B 1 ? 11 ? 2KTP 13 ? 23 ? 13 23 
# 
_pdbx_struct_assembly.id                   1 
_pdbx_struct_assembly.details              author_defined_assembly 
_pdbx_struct_assembly.method_details       ? 
_pdbx_struct_assembly.oligomeric_details   dimeric 
_pdbx_struct_assembly.oligomeric_count     2 
# 
_pdbx_struct_assembly_gen.assembly_id       1 
_pdbx_struct_assembly_gen.oper_expression   1 
_pdbx_struct_assembly_gen.asym_id_list      A,B 
# 
_pdbx_struct_oper_list.id                   1 
_pdbx_struct_oper_list.type                 'identity operation' 
_pdbx_struct_oper_list.name                 1_555 
_pdbx_struct_oper_list.symmetry_operation   x,y,z 
_pdbx_struct_oper_list.matrix[1][1]         1.0000000000 
_pdbx_struct_oper_list.matrix[1][2]         0.0000000000 
_pdbx_struct_oper_list.matrix[1][3]         0.0000000000 
_pdbx_struct_oper_list.vector[1]            0.0000000000 
_pdbx_struct_oper_list.matrix[2][1]         0.0000000000 
_pdbx_struct_oper_list.matrix[2][2]         1.0000000000 
_pdbx_struct_oper_list.matrix[2][3]         0.0000000000 
_pdbx_struct_oper_list.vector[2]            0.0000000000 
_pdbx_struct_oper_list.matrix[3][1]         0.0000000000 
_pdbx_struct_oper_list.matrix[3][2]         0.0000000000 
_pdbx_struct_oper_list.matrix[3][3]         1.0000000000 
_pdbx_struct_oper_list.vector[3]            0.0000000000 
# 
_struct_biol.id        1 
_struct_biol.details   ? 
# 
loop_
_struct_conn.id 
_struct_conn.conn_type_id 
_struct_conn.pdbx_leaving_atom_flag 
_struct_conn.pdbx_PDB_id 
_struct_conn.ptnr1_label_asym_id 
_struct_conn.ptnr1_label_comp_id 
_struct_conn.ptnr1_label_seq_id 
_struct_conn.ptnr1_label_atom_id 
_struct_conn.pdbx_ptnr1_label_alt_id 
_struct_conn.pdbx_ptnr1_PDB_ins_code 
_struct_conn.pdbx_ptnr1_standard_comp_id 
_struct_conn.ptnr1_symmetry 
_struct_conn.ptnr2_label_asym_id 
_struct_conn.ptnr2_label_comp_id 
_struct_conn.ptnr2_label_seq_id 
_struct_conn.ptnr2_label_atom_id 
_struct_conn.pdbx_ptnr2_label_alt_id 
_struct_conn.pdbx_ptnr2_PDB_ins_code 
_struct_conn.ptnr1_auth_asym_id 
_struct_conn.ptnr1_auth_comp_id 
_struct_conn.ptnr1_auth_seq_id 
_struct_conn.ptnr2_auth_asym_id 
_struct_conn.ptnr2_auth_comp_id 
_struct_conn.ptnr2_auth_seq_id 
_struct_conn.ptnr2_symmetry 
_struct_conn.pdbx_ptnr3_label_atom_id 
_struct_conn.pdbx_ptnr3_label_seq_id 
_struct_conn.pdbx_ptnr3_label_comp_id 
_struct_conn.pdbx_ptnr3_label_asym_id 
_struct_conn.pdbx_ptnr3_label_alt_id 
_struct_conn.pdbx_ptnr3_PDB_ins_code 
_struct_conn.details 
_struct_conn.pdbx_dist_value 
_struct_conn.pdbx_value_order 
_struct_conn.pdbx_role 
covale1  covale both ? A DT 5  "O3'" ? ? ? 1_555 A GNE 6  P  ? ? A DT 5  A GNE 6  1_555 ? ? ? ? ? ? ?            1.635 ? ? 
hydrog1  hydrog ?    ? A DC 1  N3    ? ? ? 1_555 B DG  11 N1 ? ? A DC 1  B DG  23 1_555 ? ? ? ? ? ? WATSON-CRICK ?     ? ? 
hydrog2  hydrog ?    ? A DC 1  N4    ? ? ? 1_555 B DG  11 O6 ? ? A DC 1  B DG  23 1_555 ? ? ? ? ? ? WATSON-CRICK ?     ? ? 
hydrog3  hydrog ?    ? A DC 1  O2    ? ? ? 1_555 B DG  11 N2 ? ? A DC 1  B DG  23 1_555 ? ? ? ? ? ? WATSON-CRICK ?     ? ? 
hydrog4  hydrog ?    ? A DG 2  N1    ? ? ? 1_555 B DC  10 N3 ? ? A DG 2  B DC  22 1_555 ? ? ? ? ? ? WATSON-CRICK ?     ? ? 
hydrog5  hydrog ?    ? A DG 2  N2    ? ? ? 1_555 B DC  10 O2 ? ? A DG 2  B DC  22 1_555 ? ? ? ? ? ? WATSON-CRICK ?     ? ? 
hydrog6  hydrog ?    ? A DG 2  O6    ? ? ? 1_555 B DC  10 N4 ? ? A DG 2  B DC  22 1_555 ? ? ? ? ? ? WATSON-CRICK ?     ? ? 
hydrog7  hydrog ?    ? A DC 3  N3    ? ? ? 1_555 B DG  9  N1 ? ? A DC 3  B DG  21 1_555 ? ? ? ? ? ? WATSON-CRICK ?     ? ? 
hydrog8  hydrog ?    ? A DC 3  N4    ? ? ? 1_555 B DG  9  O6 ? ? A DC 3  B DG  21 1_555 ? ? ? ? ? ? WATSON-CRICK ?     ? ? 
hydrog9  hydrog ?    ? A DC 3  O2    ? ? ? 1_555 B DG  9  N2 ? ? A DC 3  B DG  21 1_555 ? ? ? ? ? ? WATSON-CRICK ?     ? ? 
hydrog10 hydrog ?    ? A DA 4  N1    ? ? ? 1_555 B DT  8  N3 ? ? A DA 4  B DT  20 1_555 ? ? ? ? ? ? WATSON-CRICK ?     ? ? 
hydrog11 hydrog ?    ? A DA 4  N6    ? ? ? 1_555 B DT  8  O4 ? ? A DA 4  B DT  20 1_555 ? ? ? ? ? ? WATSON-CRICK ?     ? ? 
hydrog12 hydrog ?    ? A DT 5  N3    ? ? ? 1_555 B DA  7  N1 ? ? A DT 5  B DA  19 1_555 ? ? ? ? ? ? WATSON-CRICK ?     ? ? 
hydrog13 hydrog ?    ? A DT 5  O4    ? ? ? 1_555 B DA  7  N6 ? ? A DT 5  B DA  19 1_555 ? ? ? ? ? ? WATSON-CRICK ?     ? ? 
hydrog14 hydrog ?    ? A DG 7  N1    ? ? ? 1_555 B DC  6  N3 ? ? A DG 7  B DC  18 1_555 ? ? ? ? ? ? WATSON-CRICK ?     ? ? 
hydrog15 hydrog ?    ? A DG 7  N2    ? ? ? 1_555 B DC  6  O2 ? ? A DG 7  B DC  18 1_555 ? ? ? ? ? ? WATSON-CRICK ?     ? ? 
hydrog16 hydrog ?    ? A DG 7  O6    ? ? ? 1_555 B DC  6  N4 ? ? A DG 7  B DC  18 1_555 ? ? ? ? ? ? WATSON-CRICK ?     ? ? 
hydrog17 hydrog ?    ? A DA 8  N1    ? ? ? 1_555 B DT  5  N3 ? ? A DA 8  B DT  17 1_555 ? ? ? ? ? ? WATSON-CRICK ?     ? ? 
hydrog18 hydrog ?    ? A DA 8  N6    ? ? ? 1_555 B DT  5  O4 ? ? A DA 8  B DT  17 1_555 ? ? ? ? ? ? WATSON-CRICK ?     ? ? 
hydrog19 hydrog ?    ? A DA 9  N1    ? ? ? 1_555 B DT  4  N3 ? ? A DA 9  B DT  16 1_555 ? ? ? ? ? ? WATSON-CRICK ?     ? ? 
hydrog20 hydrog ?    ? A DA 9  N6    ? ? ? 1_555 B DT  4  O4 ? ? A DA 9  B DT  16 1_555 ? ? ? ? ? ? WATSON-CRICK ?     ? ? 
hydrog21 hydrog ?    ? A DT 10 N3    ? ? ? 1_555 B DA  3  N1 ? ? A DT 10 B DA  15 1_555 ? ? ? ? ? ? WATSON-CRICK ?     ? ? 
hydrog22 hydrog ?    ? A DT 10 O4    ? ? ? 1_555 B DA  3  N6 ? ? A DT 10 B DA  15 1_555 ? ? ? ? ? ? WATSON-CRICK ?     ? ? 
hydrog23 hydrog ?    ? A DC 11 N3    ? ? ? 1_555 B DG  2  N1 ? ? A DC 11 B DG  14 1_555 ? ? ? ? ? ? WATSON-CRICK ?     ? ? 
hydrog24 hydrog ?    ? A DC 11 N4    ? ? ? 1_555 B DG  2  O6 ? ? A DC 11 B DG  14 1_555 ? ? ? ? ? ? WATSON-CRICK ?     ? ? 
hydrog25 hydrog ?    ? A DC 11 O2    ? ? ? 1_555 B DG  2  N2 ? ? A DC 11 B DG  14 1_555 ? ? ? ? ? ? WATSON-CRICK ?     ? ? 
hydrog26 hydrog ?    ? A DC 12 N3    ? ? ? 1_555 B DG  1  N1 ? ? A DC 12 B DG  13 1_555 ? ? ? ? ? ? WATSON-CRICK ?     ? ? 
hydrog27 hydrog ?    ? A DC 12 N4    ? ? ? 1_555 B DG  1  O6 ? ? A DC 12 B DG  13 1_555 ? ? ? ? ? ? WATSON-CRICK ?     ? ? 
hydrog28 hydrog ?    ? A DC 12 O2    ? ? ? 1_555 B DG  1  N2 ? ? A DC 12 B DG  13 1_555 ? ? ? ? ? ? WATSON-CRICK ?     ? ? 
# 
loop_
_struct_conn_type.id 
_struct_conn_type.criteria 
_struct_conn_type.reference 
covale ? ? 
hydrog ? ? 
# 
loop_
_pdbx_validate_rmsd_bond.id 
_pdbx_validate_rmsd_bond.PDB_model_num 
_pdbx_validate_rmsd_bond.auth_atom_id_1 
_pdbx_validate_rmsd_bond.auth_asym_id_1 
_pdbx_validate_rmsd_bond.auth_comp_id_1 
_pdbx_validate_rmsd_bond.auth_seq_id_1 
_pdbx_validate_rmsd_bond.PDB_ins_code_1 
_pdbx_validate_rmsd_bond.label_alt_id_1 
_pdbx_validate_rmsd_bond.auth_atom_id_2 
_pdbx_validate_rmsd_bond.auth_asym_id_2 
_pdbx_validate_rmsd_bond.auth_comp_id_2 
_pdbx_validate_rmsd_bond.auth_seq_id_2 
_pdbx_validate_rmsd_bond.PDB_ins_code_2 
_pdbx_validate_rmsd_bond.label_alt_id_2 
_pdbx_validate_rmsd_bond.bond_value 
_pdbx_validate_rmsd_bond.bond_target_value 
_pdbx_validate_rmsd_bond.bond_deviation 
_pdbx_validate_rmsd_bond.bond_standard_deviation 
_pdbx_validate_rmsd_bond.linker_flag 
1  1 N3 A DG 2  ? ? C4 A DG 2  ? ? 1.416 1.350 0.066 0.007 N 
2  1 C5 A DG 2  ? ? C6 A DG 2  ? ? 1.507 1.419 0.088 0.010 N 
3  1 N7 A DG 2  ? ? C8 A DG 2  ? ? 1.407 1.305 0.102 0.006 N 
4  1 N3 A DA 4  ? ? C4 A DA 4  ? ? 1.404 1.344 0.060 0.006 N 
5  1 N7 A DA 4  ? ? C8 A DA 4  ? ? 1.406 1.311 0.095 0.007 N 
6  1 N3 A DG 7  ? ? C4 A DG 7  ? ? 1.417 1.350 0.067 0.007 N 
7  1 C5 A DG 7  ? ? C6 A DG 7  ? ? 1.501 1.419 0.082 0.010 N 
8  1 N7 A DG 7  ? ? C8 A DG 7  ? ? 1.405 1.305 0.100 0.006 N 
9  1 N3 A DA 8  ? ? C4 A DA 8  ? ? 1.410 1.344 0.066 0.006 N 
10 1 N7 A DA 8  ? ? C8 A DA 8  ? ? 1.405 1.311 0.094 0.007 N 
11 1 N3 A DA 9  ? ? C4 A DA 9  ? ? 1.406 1.344 0.062 0.006 N 
12 1 N7 A DA 9  ? ? C8 A DA 9  ? ? 1.405 1.311 0.094 0.007 N 
13 1 N3 B DG 13 ? ? C4 B DG 13 ? ? 1.415 1.350 0.065 0.007 N 
14 1 C5 B DG 13 ? ? C6 B DG 13 ? ? 1.504 1.419 0.085 0.010 N 
15 1 N7 B DG 13 ? ? C8 B DG 13 ? ? 1.406 1.305 0.101 0.006 N 
16 1 N3 B DG 14 ? ? C4 B DG 14 ? ? 1.420 1.350 0.070 0.007 N 
17 1 C5 B DG 14 ? ? C6 B DG 14 ? ? 1.503 1.419 0.084 0.010 N 
18 1 N7 B DG 14 ? ? C8 B DG 14 ? ? 1.407 1.305 0.102 0.006 N 
19 1 N3 B DA 15 ? ? C4 B DA 15 ? ? 1.405 1.344 0.061 0.006 N 
20 1 N7 B DA 15 ? ? C8 B DA 15 ? ? 1.403 1.311 0.092 0.007 N 
21 1 N3 B DA 19 ? ? C4 B DA 19 ? ? 1.408 1.344 0.064 0.006 N 
22 1 N7 B DA 19 ? ? C8 B DA 19 ? ? 1.405 1.311 0.094 0.007 N 
23 1 N3 B DG 21 ? ? C4 B DG 21 ? ? 1.417 1.350 0.067 0.007 N 
24 1 C5 B DG 21 ? ? C6 B DG 21 ? ? 1.507 1.419 0.088 0.010 N 
25 1 N7 B DG 21 ? ? C8 B DG 21 ? ? 1.409 1.305 0.104 0.006 N 
26 1 N3 B DG 23 ? ? C4 B DG 23 ? ? 1.418 1.350 0.068 0.007 N 
27 1 C5 B DG 23 ? ? C6 B DG 23 ? ? 1.503 1.419 0.084 0.010 N 
28 1 N7 B DG 23 ? ? C8 B DG 23 ? ? 1.407 1.305 0.102 0.006 N 
# 
loop_
_pdbx_validate_rmsd_angle.id 
_pdbx_validate_rmsd_angle.PDB_model_num 
_pdbx_validate_rmsd_angle.auth_atom_id_1 
_pdbx_validate_rmsd_angle.auth_asym_id_1 
_pdbx_validate_rmsd_angle.auth_comp_id_1 
_pdbx_validate_rmsd_angle.auth_seq_id_1 
_pdbx_validate_rmsd_angle.PDB_ins_code_1 
_pdbx_validate_rmsd_angle.label_alt_id_1 
_pdbx_validate_rmsd_angle.auth_atom_id_2 
_pdbx_validate_rmsd_angle.auth_asym_id_2 
_pdbx_validate_rmsd_angle.auth_comp_id_2 
_pdbx_validate_rmsd_angle.auth_seq_id_2 
_pdbx_validate_rmsd_angle.PDB_ins_code_2 
_pdbx_validate_rmsd_angle.label_alt_id_2 
_pdbx_validate_rmsd_angle.auth_atom_id_3 
_pdbx_validate_rmsd_angle.auth_asym_id_3 
_pdbx_validate_rmsd_angle.auth_comp_id_3 
_pdbx_validate_rmsd_angle.auth_seq_id_3 
_pdbx_validate_rmsd_angle.PDB_ins_code_3 
_pdbx_validate_rmsd_angle.label_alt_id_3 
_pdbx_validate_rmsd_angle.angle_value 
_pdbx_validate_rmsd_angle.angle_target_value 
_pdbx_validate_rmsd_angle.angle_deviation 
_pdbx_validate_rmsd_angle.angle_standard_deviation 
_pdbx_validate_rmsd_angle.linker_flag 
1  1 N1    A DC 1  ? ? C2    A DC 1  ? ? O2  A DC 1  ? ? 123.77 118.90 4.87  0.60 N 
2  1 N3    A DC 1  ? ? C2    A DC 1  ? ? O2  A DC 1  ? ? 115.87 121.90 -6.03 0.70 N 
3  1 "O4'" A DG 2  ? ? "C1'" A DG 2  ? ? N9  A DG 2  ? ? 110.66 108.30 2.36  0.30 N 
4  1 N3    A DG 2  ? ? C4    A DG 2  ? ? C5  A DG 2  ? ? 124.13 128.60 -4.47 0.50 N 
5  1 C5    A DG 2  ? ? N7    A DG 2  ? ? C8  A DG 2  ? ? 100.94 104.30 -3.36 0.50 N 
6  1 N1    A DC 3  ? ? C2    A DC 3  ? ? O2  A DC 3  ? ? 123.94 118.90 5.04  0.60 N 
7  1 N3    A DC 3  ? ? C2    A DC 3  ? ? O2  A DC 3  ? ? 115.92 121.90 -5.98 0.70 N 
8  1 C4    A DA 4  ? ? C5    A DA 4  ? ? C6  A DA 4  ? ? 113.68 117.00 -3.32 0.50 N 
9  1 C5    A DA 4  ? ? C6    A DA 4  ? ? N1  A DA 4  ? ? 122.32 117.70 4.62  0.50 N 
10 1 N1    A DA 4  ? ? C6    A DA 4  ? ? N6  A DA 4  ? ? 114.24 118.60 -4.36 0.60 N 
11 1 "O4'" A DT 5  ? ? "C1'" A DT 5  ? ? N1  A DT 5  ? ? 110.13 108.30 1.83  0.30 N 
12 1 N3    A DT 5  ? ? C2    A DT 5  ? ? O2  A DT 5  ? ? 118.06 122.30 -4.24 0.60 N 
13 1 C6    A DT 5  ? ? C5    A DT 5  ? ? C7  A DT 5  ? ? 119.09 122.90 -3.81 0.60 N 
14 1 N3    A DG 7  ? ? C4    A DG 7  ? ? C5  A DG 7  ? ? 124.25 128.60 -4.35 0.50 N 
15 1 "O4'" A DA 8  ? ? "C1'" A DA 8  ? ? N9  A DA 8  ? ? 110.58 108.30 2.28  0.30 N 
16 1 C5    A DA 8  ? ? C6    A DA 8  ? ? N1  A DA 8  ? ? 121.88 117.70 4.18  0.50 N 
17 1 N1    A DA 8  ? ? C6    A DA 8  ? ? N6  A DA 8  ? ? 113.82 118.60 -4.78 0.60 N 
18 1 C5    A DA 9  ? ? C6    A DA 9  ? ? N1  A DA 9  ? ? 121.85 117.70 4.15  0.50 N 
19 1 N9    A DA 9  ? ? C4    A DA 9  ? ? C5  A DA 9  ? ? 108.87 105.80 3.07  0.40 N 
20 1 N1    A DA 9  ? ? C6    A DA 9  ? ? N6  A DA 9  ? ? 114.15 118.60 -4.45 0.60 N 
21 1 OP1   A DT 10 ? ? P     A DT 10 ? ? OP2 A DT 10 ? ? 110.43 119.60 -9.17 1.50 N 
22 1 "O4'" A DT 10 ? ? "C1'" A DT 10 ? ? N1  A DT 10 ? ? 111.27 108.30 2.97  0.30 N 
23 1 N3    A DT 10 ? ? C2    A DT 10 ? ? O2  A DT 10 ? ? 117.94 122.30 -4.36 0.60 N 
24 1 C6    A DT 10 ? ? C5    A DT 10 ? ? C7  A DT 10 ? ? 119.02 122.90 -3.88 0.60 N 
25 1 "O4'" A DC 11 ? ? "C1'" A DC 11 ? ? N1  A DC 11 ? ? 111.55 108.30 3.25  0.30 N 
26 1 N1    A DC 11 ? ? C2    A DC 11 ? ? O2  A DC 11 ? ? 123.18 118.90 4.28  0.60 N 
27 1 N3    A DC 11 ? ? C2    A DC 11 ? ? O2  A DC 11 ? ? 115.87 121.90 -6.03 0.70 N 
28 1 N1    A DC 12 ? ? C2    A DC 12 ? ? O2  A DC 12 ? ? 123.39 118.90 4.49  0.60 N 
29 1 N3    A DC 12 ? ? C2    A DC 12 ? ? O2  A DC 12 ? ? 116.51 121.90 -5.39 0.70 N 
30 1 "O4'" B DG 13 ? ? "C1'" B DG 13 ? ? N9  B DG 13 ? ? 112.42 108.30 4.12  0.30 N 
31 1 N3    B DG 13 ? ? C4    B DG 13 ? ? C5  B DG 13 ? ? 123.99 128.60 -4.61 0.50 N 
32 1 C5    B DG 13 ? ? N7    B DG 13 ? ? C8  B DG 13 ? ? 101.24 104.30 -3.06 0.50 N 
33 1 "O4'" B DG 14 ? ? "C1'" B DG 14 ? ? N9  B DG 14 ? ? 110.52 108.30 2.22  0.30 N 
34 1 N3    B DG 14 ? ? C4    B DG 14 ? ? C5  B DG 14 ? ? 123.91 128.60 -4.69 0.50 N 
35 1 C5    B DG 14 ? ? N7    B DG 14 ? ? C8  B DG 14 ? ? 101.04 104.30 -3.26 0.50 N 
36 1 "O4'" B DA 15 ? ? "C1'" B DA 15 ? ? N9  B DA 15 ? ? 111.05 108.30 2.75  0.30 N 
37 1 C5    B DA 15 ? ? C6    B DA 15 ? ? N1  B DA 15 ? ? 121.49 117.70 3.79  0.50 N 
38 1 N9    B DA 15 ? ? C4    B DA 15 ? ? C5  B DA 15 ? ? 108.76 105.80 2.96  0.40 N 
39 1 N1    B DA 15 ? ? C6    B DA 15 ? ? N6  B DA 15 ? ? 113.47 118.60 -5.13 0.60 N 
40 1 "O4'" B DT 16 ? ? "C1'" B DT 16 ? ? N1  B DT 16 ? ? 111.80 108.30 3.50  0.30 N 
41 1 N3    B DT 16 ? ? C2    B DT 16 ? ? O2  B DT 16 ? ? 117.72 122.30 -4.58 0.60 N 
42 1 "O4'" B DT 17 ? ? "C1'" B DT 17 ? ? N1  B DT 17 ? ? 111.55 108.30 3.25  0.30 N 
43 1 N3    B DT 17 ? ? C2    B DT 17 ? ? O2  B DT 17 ? ? 118.41 122.30 -3.89 0.60 N 
44 1 "O4'" B DC 18 ? ? "C1'" B DC 18 ? ? N1  B DC 18 ? ? 110.95 108.30 2.65  0.30 N 
45 1 N1    B DC 18 ? ? C2    B DC 18 ? ? O2  B DC 18 ? ? 122.95 118.90 4.05  0.60 N 
46 1 N3    B DC 18 ? ? C2    B DC 18 ? ? O2  B DC 18 ? ? 116.52 121.90 -5.38 0.70 N 
47 1 "O4'" B DA 19 ? ? "C1'" B DA 19 ? ? N9  B DA 19 ? ? 112.63 108.30 4.33  0.30 N 
48 1 C5    B DA 19 ? ? C6    B DA 19 ? ? N1  B DA 19 ? ? 121.44 117.70 3.74  0.50 N 
49 1 N9    B DA 19 ? ? C4    B DA 19 ? ? C5  B DA 19 ? ? 108.56 105.80 2.76  0.40 N 
50 1 N1    B DA 19 ? ? C6    B DA 19 ? ? N6  B DA 19 ? ? 113.38 118.60 -5.22 0.60 N 
51 1 "O4'" B DT 20 ? ? "C1'" B DT 20 ? ? N1  B DT 20 ? ? 111.61 108.30 3.31  0.30 N 
52 1 N3    B DT 20 ? ? C2    B DT 20 ? ? O2  B DT 20 ? ? 118.06 122.30 -4.24 0.60 N 
53 1 "O4'" B DG 21 ? ? "C1'" B DG 21 ? ? N9  B DG 21 ? ? 111.05 108.30 2.75  0.30 N 
54 1 N3    B DG 21 ? ? C4    B DG 21 ? ? C5  B DG 21 ? ? 124.30 128.60 -4.30 0.50 N 
55 1 C5    B DG 21 ? ? N7    B DG 21 ? ? C8  B DG 21 ? ? 101.25 104.30 -3.05 0.50 N 
56 1 N9    B DG 21 ? ? C4    B DG 21 ? ? C5  B DG 21 ? ? 107.83 105.40 2.43  0.40 N 
57 1 "O4'" B DC 22 ? ? "C1'" B DC 22 ? ? N1  B DC 22 ? ? 110.85 108.30 2.55  0.30 N 
58 1 N1    B DC 22 ? ? C2    B DC 22 ? ? O2  B DC 22 ? ? 122.92 118.90 4.02  0.60 N 
59 1 N3    B DC 22 ? ? C2    B DC 22 ? ? O2  B DC 22 ? ? 115.99 121.90 -5.91 0.70 N 
60 1 "O4'" B DG 23 ? ? "C1'" B DG 23 ? ? N9  B DG 23 ? ? 110.56 108.30 2.26  0.30 N 
61 1 N3    B DG 23 ? ? C4    B DG 23 ? ? C5  B DG 23 ? ? 124.13 128.60 -4.47 0.50 N 
62 1 N9    B DG 23 ? ? C4    B DG 23 ? ? C5  B DG 23 ? ? 107.95 105.40 2.55  0.40 N 
# 
loop_
_pdbx_validate_planes.id 
_pdbx_validate_planes.PDB_model_num 
_pdbx_validate_planes.auth_comp_id 
_pdbx_validate_planes.auth_asym_id 
_pdbx_validate_planes.auth_seq_id 
_pdbx_validate_planes.PDB_ins_code 
_pdbx_validate_planes.label_alt_id 
_pdbx_validate_planes.rmsd 
_pdbx_validate_planes.type 
1 1 DT A 10 ? ? 0.079 'SIDE CHAIN' 
2 1 DA B 15 ? ? 0.053 'SIDE CHAIN' 
# 
_pdbx_nmr_ensemble.average_constraint_violations_per_residue     ? 
_pdbx_nmr_ensemble.average_constraints_per_residue               ? 
_pdbx_nmr_ensemble.average_distance_constraint_violation         ? 
_pdbx_nmr_ensemble.average_torsion_angle_constraint_violation    ? 
_pdbx_nmr_ensemble.conformer_selection_criteria                  'back calculated data agree with experimental NOESY spectrum' 
_pdbx_nmr_ensemble.conformers_calculated_total_number            20 
_pdbx_nmr_ensemble.conformers_submitted_total_number             1 
_pdbx_nmr_ensemble.distance_constraint_violation_method          ? 
_pdbx_nmr_ensemble.entry_id                                      2KTP 
_pdbx_nmr_ensemble.maximum_distance_constraint_violation         ? 
_pdbx_nmr_ensemble.maximum_lower_distance_constraint_violation   ? 
_pdbx_nmr_ensemble.maximum_torsion_angle_constraint_violation    ? 
_pdbx_nmr_ensemble.maximum_upper_distance_constraint_violation   ? 
_pdbx_nmr_ensemble.torsion_angle_constraint_violation_method     ? 
# 
_pdbx_nmr_representative.conformer_id         1 
_pdbx_nmr_representative.entry_id             2KTP 
_pdbx_nmr_representative.selection_criteria   'closest to the average' 
# 
_pdbx_nmr_sample_details.contents         
;0.3 mM DNA (5'-D(P*GP*CP*AP*TP*GP*GP*AP*AP*TP*C)-3')-1, 100% D2O
;
_pdbx_nmr_sample_details.solution_id      1 
_pdbx_nmr_sample_details.solvent_system   '100% D2O' 
# 
_pdbx_nmr_exptl_sample.component             
;DNA (5'-D(P*GP*CP*AP*TP*GP*GP*AP*AP*TP*C)-3')-1
;
_pdbx_nmr_exptl_sample.concentration         0.3 
_pdbx_nmr_exptl_sample.concentration_range   ? 
_pdbx_nmr_exptl_sample.concentration_units   mM 
_pdbx_nmr_exptl_sample.isotopic_labeling     ? 
_pdbx_nmr_exptl_sample.solution_id           1 
# 
_pdbx_nmr_exptl_sample_conditions.conditions_id       1 
_pdbx_nmr_exptl_sample_conditions.ionic_strength      100 
_pdbx_nmr_exptl_sample_conditions.pH                  7 
_pdbx_nmr_exptl_sample_conditions.pressure            ambient 
_pdbx_nmr_exptl_sample_conditions.pressure_units      ? 
_pdbx_nmr_exptl_sample_conditions.temperature         298 
_pdbx_nmr_exptl_sample_conditions.temperature_units   K 
# 
loop_
_pdbx_nmr_exptl.conditions_id 
_pdbx_nmr_exptl.experiment_id 
_pdbx_nmr_exptl.solution_id 
_pdbx_nmr_exptl.type 
1 1 1 '2D 1H-1H COSY'  
1 2 1 '2D 1H-1H NOESY' 
# 
_pdbx_nmr_refine.entry_id           2KTP 
_pdbx_nmr_refine.method             'simulated annealing' 
_pdbx_nmr_refine.details            ? 
_pdbx_nmr_refine.software_ordinal   1 
# 
_pdbx_nmr_software.authors          'Case, Darden, Cheatham, III, Simmerling, Wang, Duke, Luo and Kollm' 
_pdbx_nmr_software.classification   refinement 
_pdbx_nmr_software.name             Amber 
_pdbx_nmr_software.version          ? 
_pdbx_nmr_software.ordinal          1 
# 
loop_
_chem_comp_atom.comp_id 
_chem_comp_atom.atom_id 
_chem_comp_atom.type_symbol 
_chem_comp_atom.pdbx_aromatic_flag 
_chem_comp_atom.pdbx_stereo_config 
_chem_comp_atom.pdbx_ordinal 
DA  OP3    O N N 1   
DA  P      P N N 2   
DA  OP1    O N N 3   
DA  OP2    O N N 4   
DA  "O5'"  O N N 5   
DA  "C5'"  C N N 6   
DA  "C4'"  C N R 7   
DA  "O4'"  O N N 8   
DA  "C3'"  C N S 9   
DA  "O3'"  O N N 10  
DA  "C2'"  C N N 11  
DA  "C1'"  C N R 12  
DA  N9     N Y N 13  
DA  C8     C Y N 14  
DA  N7     N Y N 15  
DA  C5     C Y N 16  
DA  C6     C Y N 17  
DA  N6     N N N 18  
DA  N1     N Y N 19  
DA  C2     C Y N 20  
DA  N3     N Y N 21  
DA  C4     C Y N 22  
DA  HOP3   H N N 23  
DA  HOP2   H N N 24  
DA  "H5'"  H N N 25  
DA  "H5''" H N N 26  
DA  "H4'"  H N N 27  
DA  "H3'"  H N N 28  
DA  "HO3'" H N N 29  
DA  "H2'"  H N N 30  
DA  "H2''" H N N 31  
DA  "H1'"  H N N 32  
DA  H8     H N N 33  
DA  H61    H N N 34  
DA  H62    H N N 35  
DA  H2     H N N 36  
DC  OP3    O N N 37  
DC  P      P N N 38  
DC  OP1    O N N 39  
DC  OP2    O N N 40  
DC  "O5'"  O N N 41  
DC  "C5'"  C N N 42  
DC  "C4'"  C N R 43  
DC  "O4'"  O N N 44  
DC  "C3'"  C N S 45  
DC  "O3'"  O N N 46  
DC  "C2'"  C N N 47  
DC  "C1'"  C N R 48  
DC  N1     N N N 49  
DC  C2     C N N 50  
DC  O2     O N N 51  
DC  N3     N N N 52  
DC  C4     C N N 53  
DC  N4     N N N 54  
DC  C5     C N N 55  
DC  C6     C N N 56  
DC  HOP3   H N N 57  
DC  HOP2   H N N 58  
DC  "H5'"  H N N 59  
DC  "H5''" H N N 60  
DC  "H4'"  H N N 61  
DC  "H3'"  H N N 62  
DC  "HO3'" H N N 63  
DC  "H2'"  H N N 64  
DC  "H2''" H N N 65  
DC  "H1'"  H N N 66  
DC  H41    H N N 67  
DC  H42    H N N 68  
DC  H5     H N N 69  
DC  H6     H N N 70  
DG  OP3    O N N 71  
DG  P      P N N 72  
DG  OP1    O N N 73  
DG  OP2    O N N 74  
DG  "O5'"  O N N 75  
DG  "C5'"  C N N 76  
DG  "C4'"  C N R 77  
DG  "O4'"  O N N 78  
DG  "C3'"  C N S 79  
DG  "O3'"  O N N 80  
DG  "C2'"  C N N 81  
DG  "C1'"  C N R 82  
DG  N9     N Y N 83  
DG  C8     C Y N 84  
DG  N7     N Y N 85  
DG  C5     C Y N 86  
DG  C6     C N N 87  
DG  O6     O N N 88  
DG  N1     N N N 89  
DG  C2     C N N 90  
DG  N2     N N N 91  
DG  N3     N N N 92  
DG  C4     C Y N 93  
DG  HOP3   H N N 94  
DG  HOP2   H N N 95  
DG  "H5'"  H N N 96  
DG  "H5''" H N N 97  
DG  "H4'"  H N N 98  
DG  "H3'"  H N N 99  
DG  "HO3'" H N N 100 
DG  "H2'"  H N N 101 
DG  "H2''" H N N 102 
DG  "H1'"  H N N 103 
DG  H8     H N N 104 
DG  H1     H N N 105 
DG  H21    H N N 106 
DG  H22    H N N 107 
DT  OP3    O N N 108 
DT  P      P N N 109 
DT  OP1    O N N 110 
DT  OP2    O N N 111 
DT  "O5'"  O N N 112 
DT  "C5'"  C N N 113 
DT  "C4'"  C N R 114 
DT  "O4'"  O N N 115 
DT  "C3'"  C N S 116 
DT  "O3'"  O N N 117 
DT  "C2'"  C N N 118 
DT  "C1'"  C N R 119 
DT  N1     N N N 120 
DT  C2     C N N 121 
DT  O2     O N N 122 
DT  N3     N N N 123 
DT  C4     C N N 124 
DT  O4     O N N 125 
DT  C5     C N N 126 
DT  C7     C N N 127 
DT  C6     C N N 128 
DT  HOP3   H N N 129 
DT  HOP2   H N N 130 
DT  "H5'"  H N N 131 
DT  "H5''" H N N 132 
DT  "H4'"  H N N 133 
DT  "H3'"  H N N 134 
DT  "HO3'" H N N 135 
DT  "H2'"  H N N 136 
DT  "H2''" H N N 137 
DT  "H1'"  H N N 138 
DT  H3     H N N 139 
DT  H71    H N N 140 
DT  H72    H N N 141 
DT  H73    H N N 142 
DT  H6     H N N 143 
GNE P      P N N 144 
GNE OP1    O N N 145 
GNE OP2    O N N 146 
GNE OP3    O N N 147 
GNE "O5'"  O N N 148 
GNE "C5'"  C N N 149 
GNE "C4'"  C N R 150 
GNE "O4'"  O N N 151 
GNE "C3'"  C N S 152 
GNE "O3'"  O N N 153 
GNE "C2'"  C N N 154 
GNE "C1'"  C N R 155 
GNE N9     N Y N 156 
GNE C8     C Y N 157 
GNE N7     N Y N 158 
GNE C5     C Y N 159 
GNE C6     C N N 160 
GNE O6     O N N 161 
GNE N1     N N N 162 
GNE C2     C N N 163 
GNE N2     N N N 164 
GNE CM2    C N N 165 
GNE N3     N N N 166 
GNE C11    C N N 167 
GNE C4     C Y N 168 
GNE HO1    H N N 169 
GNE HO3    H N N 170 
GNE "H5'"  H N N 171 
GNE "H5''" H N N 172 
GNE "H4'"  H N N 173 
GNE "H3'"  H N N 174 
GNE HA     H N N 175 
GNE "H2'"  H N N 176 
GNE "H2''" H N N 177 
GNE "H1'"  H N N 178 
GNE H8     H N N 179 
GNE H2     H N N 180 
GNE HM2    H N N 181 
GNE H11    H N N 182 
# 
loop_
_chem_comp_bond.comp_id 
_chem_comp_bond.atom_id_1 
_chem_comp_bond.atom_id_2 
_chem_comp_bond.value_order 
_chem_comp_bond.pdbx_aromatic_flag 
_chem_comp_bond.pdbx_stereo_config 
_chem_comp_bond.pdbx_ordinal 
DA  OP3   P      sing N N 1   
DA  OP3   HOP3   sing N N 2   
DA  P     OP1    doub N N 3   
DA  P     OP2    sing N N 4   
DA  P     "O5'"  sing N N 5   
DA  OP2   HOP2   sing N N 6   
DA  "O5'" "C5'"  sing N N 7   
DA  "C5'" "C4'"  sing N N 8   
DA  "C5'" "H5'"  sing N N 9   
DA  "C5'" "H5''" sing N N 10  
DA  "C4'" "O4'"  sing N N 11  
DA  "C4'" "C3'"  sing N N 12  
DA  "C4'" "H4'"  sing N N 13  
DA  "O4'" "C1'"  sing N N 14  
DA  "C3'" "O3'"  sing N N 15  
DA  "C3'" "C2'"  sing N N 16  
DA  "C3'" "H3'"  sing N N 17  
DA  "O3'" "HO3'" sing N N 18  
DA  "C2'" "C1'"  sing N N 19  
DA  "C2'" "H2'"  sing N N 20  
DA  "C2'" "H2''" sing N N 21  
DA  "C1'" N9     sing N N 22  
DA  "C1'" "H1'"  sing N N 23  
DA  N9    C8     sing Y N 24  
DA  N9    C4     sing Y N 25  
DA  C8    N7     doub Y N 26  
DA  C8    H8     sing N N 27  
DA  N7    C5     sing Y N 28  
DA  C5    C6     sing Y N 29  
DA  C5    C4     doub Y N 30  
DA  C6    N6     sing N N 31  
DA  C6    N1     doub Y N 32  
DA  N6    H61    sing N N 33  
DA  N6    H62    sing N N 34  
DA  N1    C2     sing Y N 35  
DA  C2    N3     doub Y N 36  
DA  C2    H2     sing N N 37  
DA  N3    C4     sing Y N 38  
DC  OP3   P      sing N N 39  
DC  OP3   HOP3   sing N N 40  
DC  P     OP1    doub N N 41  
DC  P     OP2    sing N N 42  
DC  P     "O5'"  sing N N 43  
DC  OP2   HOP2   sing N N 44  
DC  "O5'" "C5'"  sing N N 45  
DC  "C5'" "C4'"  sing N N 46  
DC  "C5'" "H5'"  sing N N 47  
DC  "C5'" "H5''" sing N N 48  
DC  "C4'" "O4'"  sing N N 49  
DC  "C4'" "C3'"  sing N N 50  
DC  "C4'" "H4'"  sing N N 51  
DC  "O4'" "C1'"  sing N N 52  
DC  "C3'" "O3'"  sing N N 53  
DC  "C3'" "C2'"  sing N N 54  
DC  "C3'" "H3'"  sing N N 55  
DC  "O3'" "HO3'" sing N N 56  
DC  "C2'" "C1'"  sing N N 57  
DC  "C2'" "H2'"  sing N N 58  
DC  "C2'" "H2''" sing N N 59  
DC  "C1'" N1     sing N N 60  
DC  "C1'" "H1'"  sing N N 61  
DC  N1    C2     sing N N 62  
DC  N1    C6     sing N N 63  
DC  C2    O2     doub N N 64  
DC  C2    N3     sing N N 65  
DC  N3    C4     doub N N 66  
DC  C4    N4     sing N N 67  
DC  C4    C5     sing N N 68  
DC  N4    H41    sing N N 69  
DC  N4    H42    sing N N 70  
DC  C5    C6     doub N N 71  
DC  C5    H5     sing N N 72  
DC  C6    H6     sing N N 73  
DG  OP3   P      sing N N 74  
DG  OP3   HOP3   sing N N 75  
DG  P     OP1    doub N N 76  
DG  P     OP2    sing N N 77  
DG  P     "O5'"  sing N N 78  
DG  OP2   HOP2   sing N N 79  
DG  "O5'" "C5'"  sing N N 80  
DG  "C5'" "C4'"  sing N N 81  
DG  "C5'" "H5'"  sing N N 82  
DG  "C5'" "H5''" sing N N 83  
DG  "C4'" "O4'"  sing N N 84  
DG  "C4'" "C3'"  sing N N 85  
DG  "C4'" "H4'"  sing N N 86  
DG  "O4'" "C1'"  sing N N 87  
DG  "C3'" "O3'"  sing N N 88  
DG  "C3'" "C2'"  sing N N 89  
DG  "C3'" "H3'"  sing N N 90  
DG  "O3'" "HO3'" sing N N 91  
DG  "C2'" "C1'"  sing N N 92  
DG  "C2'" "H2'"  sing N N 93  
DG  "C2'" "H2''" sing N N 94  
DG  "C1'" N9     sing N N 95  
DG  "C1'" "H1'"  sing N N 96  
DG  N9    C8     sing Y N 97  
DG  N9    C4     sing Y N 98  
DG  C8    N7     doub Y N 99  
DG  C8    H8     sing N N 100 
DG  N7    C5     sing Y N 101 
DG  C5    C6     sing N N 102 
DG  C5    C4     doub Y N 103 
DG  C6    O6     doub N N 104 
DG  C6    N1     sing N N 105 
DG  N1    C2     sing N N 106 
DG  N1    H1     sing N N 107 
DG  C2    N2     sing N N 108 
DG  C2    N3     doub N N 109 
DG  N2    H21    sing N N 110 
DG  N2    H22    sing N N 111 
DG  N3    C4     sing N N 112 
DT  OP3   P      sing N N 113 
DT  OP3   HOP3   sing N N 114 
DT  P     OP1    doub N N 115 
DT  P     OP2    sing N N 116 
DT  P     "O5'"  sing N N 117 
DT  OP2   HOP2   sing N N 118 
DT  "O5'" "C5'"  sing N N 119 
DT  "C5'" "C4'"  sing N N 120 
DT  "C5'" "H5'"  sing N N 121 
DT  "C5'" "H5''" sing N N 122 
DT  "C4'" "O4'"  sing N N 123 
DT  "C4'" "C3'"  sing N N 124 
DT  "C4'" "H4'"  sing N N 125 
DT  "O4'" "C1'"  sing N N 126 
DT  "C3'" "O3'"  sing N N 127 
DT  "C3'" "C2'"  sing N N 128 
DT  "C3'" "H3'"  sing N N 129 
DT  "O3'" "HO3'" sing N N 130 
DT  "C2'" "C1'"  sing N N 131 
DT  "C2'" "H2'"  sing N N 132 
DT  "C2'" "H2''" sing N N 133 
DT  "C1'" N1     sing N N 134 
DT  "C1'" "H1'"  sing N N 135 
DT  N1    C2     sing N N 136 
DT  N1    C6     sing N N 137 
DT  C2    O2     doub N N 138 
DT  C2    N3     sing N N 139 
DT  N3    C4     sing N N 140 
DT  N3    H3     sing N N 141 
DT  C4    O4     doub N N 142 
DT  C4    C5     sing N N 143 
DT  C5    C7     sing N N 144 
DT  C5    C6     doub N N 145 
DT  C7    H71    sing N N 146 
DT  C7    H72    sing N N 147 
DT  C7    H73    sing N N 148 
DT  C6    H6     sing N N 149 
GNE P     OP1    sing N N 150 
GNE P     OP2    doub N N 151 
GNE P     OP3    sing N N 152 
GNE P     "O5'"  sing N N 153 
GNE OP1   HO1    sing N N 154 
GNE OP3   HO3    sing N N 155 
GNE "O5'" "C5'"  sing N N 156 
GNE "C5'" "C4'"  sing N N 157 
GNE "C5'" "H5'"  sing N N 158 
GNE "C5'" "H5''" sing N N 159 
GNE "C4'" "O4'"  sing N N 160 
GNE "C4'" "C3'"  sing N N 161 
GNE "C4'" "H4'"  sing N N 162 
GNE "O4'" "C1'"  sing N N 163 
GNE "C3'" "O3'"  sing N N 164 
GNE "C3'" "C2'"  sing N N 165 
GNE "C3'" "H3'"  sing N N 166 
GNE "O3'" HA     sing N N 167 
GNE "C2'" "C1'"  sing N N 168 
GNE "C2'" "H2'"  sing N N 169 
GNE "C2'" "H2''" sing N N 170 
GNE "C1'" N9     sing N N 171 
GNE "C1'" "H1'"  sing N N 172 
GNE N9    C8     sing Y N 173 
GNE N9    C4     sing Y N 174 
GNE C8    N7     doub Y N 175 
GNE C8    H8     sing N N 176 
GNE N7    C5     sing Y N 177 
GNE C5    C6     sing N N 178 
GNE C5    C4     doub Y N 179 
GNE C6    O6     doub N N 180 
GNE C6    N1     sing N N 181 
GNE N1    C2     sing N N 182 
GNE N1    C11    sing N N 183 
GNE C2    N2     sing N N 184 
GNE C2    N3     doub N N 185 
GNE N2    CM2    sing N N 186 
GNE N2    H2     sing N N 187 
GNE CM2   C11    doub N N 188 
GNE CM2   HM2    sing N N 189 
GNE N3    C4     sing N N 190 
GNE C11   H11    sing N N 191 
# 
loop_
_ndb_struct_conf_na.entry_id 
_ndb_struct_conf_na.feature 
2KTP 'double helix'        
2KTP 'b-form double helix' 
2KTP 'bulge loop'          
# 
loop_
_ndb_struct_na_base_pair.model_number 
_ndb_struct_na_base_pair.i_label_asym_id 
_ndb_struct_na_base_pair.i_label_comp_id 
_ndb_struct_na_base_pair.i_label_seq_id 
_ndb_struct_na_base_pair.i_symmetry 
_ndb_struct_na_base_pair.j_label_asym_id 
_ndb_struct_na_base_pair.j_label_comp_id 
_ndb_struct_na_base_pair.j_label_seq_id 
_ndb_struct_na_base_pair.j_symmetry 
_ndb_struct_na_base_pair.shear 
_ndb_struct_na_base_pair.stretch 
_ndb_struct_na_base_pair.stagger 
_ndb_struct_na_base_pair.buckle 
_ndb_struct_na_base_pair.propeller 
_ndb_struct_na_base_pair.opening 
_ndb_struct_na_base_pair.pair_number 
_ndb_struct_na_base_pair.pair_name 
_ndb_struct_na_base_pair.i_auth_asym_id 
_ndb_struct_na_base_pair.i_auth_seq_id 
_ndb_struct_na_base_pair.i_PDB_ins_code 
_ndb_struct_na_base_pair.j_auth_asym_id 
_ndb_struct_na_base_pair.j_auth_seq_id 
_ndb_struct_na_base_pair.j_PDB_ins_code 
_ndb_struct_na_base_pair.hbond_type_28 
_ndb_struct_na_base_pair.hbond_type_12 
1 A DC 1  1_555 B DG 11 1_555 0.246  -0.087 0.189  -11.631 -14.716 -1.228 1  A_DC1:DG23_B  A 1  ? B 23 ? 19 1 
1 A DG 2  1_555 B DC 10 1_555 -0.341 -0.058 -0.213 -6.627  -6.787  -1.701 2  A_DG2:DC22_B  A 2  ? B 22 ? 19 1 
1 A DC 3  1_555 B DG 9  1_555 0.415  -0.097 0.177  -0.399  -10.007 -1.737 3  A_DC3:DG21_B  A 3  ? B 21 ? 19 1 
1 A DA 4  1_555 B DT 8  1_555 0.196  0.020  0.045  2.548   -3.480  -2.962 4  A_DA4:DT20_B  A 4  ? B 20 ? 20 1 
1 A DT 5  1_555 B DA 7  1_555 -0.144 0.043  -0.026 7.879   1.341   -0.165 5  A_DT5:DA19_B  A 5  ? B 19 ? 20 1 
1 A DG 7  1_555 B DC 6  1_555 -0.692 -0.215 -0.684 -10.461 -6.587  -0.201 6  A_DG7:DC18_B  A 7  ? B 18 ? 19 1 
1 A DA 8  1_555 B DT 5  1_555 0.024  0.063  -0.310 -2.152  -10.228 -3.286 7  A_DA8:DT17_B  A 8  ? B 17 ? 20 1 
1 A DA 9  1_555 B DT 4  1_555 0.045  0.036  0.020  1.281   -11.869 -2.624 8  A_DA9:DT16_B  A 9  ? B 16 ? 20 1 
1 A DT 10 1_555 B DA 3  1_555 0.011  -0.001 -0.167 2.134   -17.690 -0.225 9  A_DT10:DA15_B A 10 ? B 15 ? 20 1 
1 A DC 11 1_555 B DG 2  1_555 0.374  -0.087 0.239  -3.959  -9.934  -2.564 10 A_DC11:DG14_B A 11 ? B 14 ? 19 1 
1 A DC 12 1_555 B DG 1  1_555 0.427  -0.103 -0.051 0.655   7.981   -1.358 11 A_DC12:DG13_B A 12 ? B 13 ? 19 1 
# 
loop_
_ndb_struct_na_base_pair_step.model_number 
_ndb_struct_na_base_pair_step.i_label_asym_id_1 
_ndb_struct_na_base_pair_step.i_label_comp_id_1 
_ndb_struct_na_base_pair_step.i_label_seq_id_1 
_ndb_struct_na_base_pair_step.i_symmetry_1 
_ndb_struct_na_base_pair_step.j_label_asym_id_1 
_ndb_struct_na_base_pair_step.j_label_comp_id_1 
_ndb_struct_na_base_pair_step.j_label_seq_id_1 
_ndb_struct_na_base_pair_step.j_symmetry_1 
_ndb_struct_na_base_pair_step.i_label_asym_id_2 
_ndb_struct_na_base_pair_step.i_label_comp_id_2 
_ndb_struct_na_base_pair_step.i_label_seq_id_2 
_ndb_struct_na_base_pair_step.i_symmetry_2 
_ndb_struct_na_base_pair_step.j_label_asym_id_2 
_ndb_struct_na_base_pair_step.j_label_comp_id_2 
_ndb_struct_na_base_pair_step.j_label_seq_id_2 
_ndb_struct_na_base_pair_step.j_symmetry_2 
_ndb_struct_na_base_pair_step.shift 
_ndb_struct_na_base_pair_step.slide 
_ndb_struct_na_base_pair_step.rise 
_ndb_struct_na_base_pair_step.tilt 
_ndb_struct_na_base_pair_step.roll 
_ndb_struct_na_base_pair_step.twist 
_ndb_struct_na_base_pair_step.x_displacement 
_ndb_struct_na_base_pair_step.y_displacement 
_ndb_struct_na_base_pair_step.helical_rise 
_ndb_struct_na_base_pair_step.inclination 
_ndb_struct_na_base_pair_step.tip 
_ndb_struct_na_base_pair_step.helical_twist 
_ndb_struct_na_base_pair_step.step_number 
_ndb_struct_na_base_pair_step.step_name 
_ndb_struct_na_base_pair_step.i_auth_asym_id_1 
_ndb_struct_na_base_pair_step.i_auth_seq_id_1 
_ndb_struct_na_base_pair_step.i_PDB_ins_code_1 
_ndb_struct_na_base_pair_step.j_auth_asym_id_1 
_ndb_struct_na_base_pair_step.j_auth_seq_id_1 
_ndb_struct_na_base_pair_step.j_PDB_ins_code_1 
_ndb_struct_na_base_pair_step.i_auth_asym_id_2 
_ndb_struct_na_base_pair_step.i_auth_seq_id_2 
_ndb_struct_na_base_pair_step.i_PDB_ins_code_2 
_ndb_struct_na_base_pair_step.j_auth_asym_id_2 
_ndb_struct_na_base_pair_step.j_auth_seq_id_2 
_ndb_struct_na_base_pair_step.j_PDB_ins_code_2 
1 A DC 1  1_555 B DG 11 1_555 A DG 2  1_555 B DC 10 1_555 -0.221 -0.023 3.331 -1.748 11.791 29.790 -2.214 0.078  3.106 21.864 
3.242  32.036 1 AA_DC1DG2:DC22DG23_BB   A 1  ? B 23 ? A 2  ? B 22 ? 
1 A DG 2  1_555 B DC 10 1_555 A DC 3  1_555 B DG 9  1_555 0.081  -0.372 3.239 -5.085 5.448  34.957 -1.378 -0.853 3.106 8.943  
8.348  35.718 2 AA_DG2DC3:DG21DC22_BB   A 2  ? B 22 ? A 3  ? B 21 ? 
1 A DC 3  1_555 B DG 9  1_555 A DA 4  1_555 B DT 8  1_555 0.114  -0.834 3.307 2.067  3.632  33.463 -2.027 0.139  3.202 6.278  
-3.572 33.716 3 AA_DC3DA4:DT20DG21_BB   A 3  ? B 21 ? A 4  ? B 20 ? 
1 A DA 4  1_555 B DT 8  1_555 A DT 5  1_555 B DA 7  1_555 0.460  -1.187 3.433 -0.497 -2.965 29.015 -1.667 -1.030 3.526 -5.897 
0.989  29.167 4 AA_DA4DT5:DA19DT20_BB   A 4  ? B 20 ? A 5  ? B 19 ? 
1 A DG 7  1_555 B DC 6  1_555 A DA 8  1_555 B DT 5  1_555 -0.599 -0.491 3.315 -6.381 1.927  29.485 -1.344 -0.184 3.330 3.726  
12.339 30.212 5 AA_DG7DA8:DT17DC18_BB   A 7  ? B 18 ? A 8  ? B 17 ? 
1 A DA 8  1_555 B DT 5  1_555 A DA 9  1_555 B DT 4  1_555 -0.263 -0.839 3.250 -3.854 -1.767 34.554 -1.133 -0.150 3.296 -2.961 
6.458  34.805 6 AA_DA8DA9:DT16DT17_BB   A 8  ? B 17 ? A 9  ? B 16 ? 
1 A DA 9  1_555 B DT 4  1_555 A DT 10 1_555 B DA 3  1_555 -0.066 -0.793 3.251 1.965  -2.752 32.635 -0.930 0.455  3.296 -4.881 
-3.485 32.805 7 AA_DA9DT10:DA15DT16_BB  A 9  ? B 16 ? A 10 ? B 15 ? 
1 A DT 10 1_555 B DA 3  1_555 A DC 11 1_555 B DG 2  1_555 -0.050 -0.603 3.517 -3.572 7.467  34.283 -2.169 -0.478 3.306 12.443 
5.952  35.239 8 AA_DT10DC11:DG14DA15_BB A 10 ? B 15 ? A 11 ? B 14 ? 
1 A DC 11 1_555 B DG 2  1_555 A DC 12 1_555 B DG 1  1_555 1.125  0.261  3.341 5.946  1.738  36.091 0.165  -0.933 3.485 2.779  
-9.511 36.602 9 AA_DC11DC12:DG13DG14_BB A 11 ? B 14 ? A 12 ? B 13 ? 
# 
_pdbx_nmr_spectrometer.field_strength    600 
_pdbx_nmr_spectrometer.manufacturer      Bruker 
_pdbx_nmr_spectrometer.model             AVANCE 
_pdbx_nmr_spectrometer.spectrometer_id   1 
_pdbx_nmr_spectrometer.type              'Bruker Avance' 
# 
_atom_sites.entry_id                    2KTP 
_atom_sites.fract_transf_matrix[1][1]   1.000000 
_atom_sites.fract_transf_matrix[1][2]   0.000000 
_atom_sites.fract_transf_matrix[1][3]   0.000000 
_atom_sites.fract_transf_matrix[2][1]   0.000000 
_atom_sites.fract_transf_matrix[2][2]   1.000000 
_atom_sites.fract_transf_matrix[2][3]   0.000000 
_atom_sites.fract_transf_matrix[3][1]   0.000000 
_atom_sites.fract_transf_matrix[3][2]   0.000000 
_atom_sites.fract_transf_matrix[3][3]   1.000000 
_atom_sites.fract_transf_vector[1]      0.00000 
_atom_sites.fract_transf_vector[2]      0.00000 
_atom_sites.fract_transf_vector[3]      0.00000 
# 
loop_
_atom_type.symbol 
C 
H 
N 
O 
P 
# 
loop_
_atom_site.group_PDB 
_atom_site.id 
_atom_site.type_symbol 
_atom_site.label_atom_id 
_atom_site.label_alt_id 
_atom_site.label_comp_id 
_atom_site.label_asym_id 
_atom_site.label_entity_id 
_atom_site.label_seq_id 
_atom_site.pdbx_PDB_ins_code 
_atom_site.Cartn_x 
_atom_site.Cartn_y 
_atom_site.Cartn_z 
_atom_site.occupancy 
_atom_site.B_iso_or_equiv 
_atom_site.pdbx_formal_charge 
_atom_site.auth_seq_id 
_atom_site.auth_comp_id 
_atom_site.auth_asym_id 
_atom_site.auth_atom_id 
_atom_site.pdbx_PDB_model_num 
ATOM   1   O "O5'"  . DC  A 1 1  ? 11.067  -6.911  -14.258 1.00 0.00 ? 1  DC  A "O5'"  1 
ATOM   2   C "C5'"  . DC  A 1 1  ? 11.424  -8.304  -14.342 1.00 0.00 ? 1  DC  A "C5'"  1 
ATOM   3   C "C4'"  . DC  A 1 1  ? 11.361  -9.004  -12.967 1.00 0.00 ? 1  DC  A "C4'"  1 
ATOM   4   O "O4'"  . DC  A 1 1  ? 12.123  -8.260  -11.983 1.00 0.00 ? 1  DC  A "O4'"  1 
ATOM   5   C "C3'"  . DC  A 1 1  ? 9.941   -9.135  -12.379 1.00 0.00 ? 1  DC  A "C3'"  1 
ATOM   6   O "O3'"  . DC  A 1 1  ? 9.668   -10.546 -12.203 1.00 0.00 ? 1  DC  A "O3'"  1 
ATOM   7   C "C2'"  . DC  A 1 1  ? 10.017  -8.406  -11.022 1.00 0.00 ? 1  DC  A "C2'"  1 
ATOM   8   C "C1'"  . DC  A 1 1  ? 11.514  -8.452  -10.685 1.00 0.00 ? 1  DC  A "C1'"  1 
ATOM   9   N N1     . DC  A 1 1  ? 11.991  -7.422  -9.745  1.00 0.00 ? 1  DC  A N1     1 
ATOM   10  C C2     . DC  A 1 1  ? 12.780  -7.787  -8.639  1.00 0.00 ? 1  DC  A C2     1 
ATOM   11  O O2     . DC  A 1 1  ? 13.013  -8.980  -8.308  1.00 0.00 ? 1  DC  A O2     1 
ATOM   12  N N3     . DC  A 1 1  ? 13.384  -6.836  -7.887  1.00 0.00 ? 1  DC  A N3     1 
ATOM   13  C C4     . DC  A 1 1  ? 13.151  -5.569  -8.145  1.00 0.00 ? 1  DC  A C4     1 
ATOM   14  N N4     . DC  A 1 1  ? 13.781  -4.695  -7.418  1.00 0.00 ? 1  DC  A N4     1 
ATOM   15  C C5     . DC  A 1 1  ? 12.341  -5.132  -9.229  1.00 0.00 ? 1  DC  A C5     1 
ATOM   16  C C6     . DC  A 1 1  ? 11.779  -6.088  -10.009 1.00 0.00 ? 1  DC  A C6     1 
ATOM   17  H "H5'"  . DC  A 1 1  ? 12.439  -8.379  -14.730 1.00 0.00 ? 1  DC  A "H5'"  1 
ATOM   18  H "H5''" . DC  A 1 1  ? 10.755  -8.813  -15.037 1.00 0.00 ? 1  DC  A "H5''" 1 
ATOM   19  H "H4'"  . DC  A 1 1  ? 11.787  -10.003 -13.060 1.00 0.00 ? 1  DC  A "H4'"  1 
ATOM   20  H "H3'"  . DC  A 1 1  ? 9.190   -8.682  -13.029 1.00 0.00 ? 1  DC  A "H3'"  1 
ATOM   21  H "H2'"  . DC  A 1 1  ? 9.662   -7.389  -11.162 1.00 0.00 ? 1  DC  A "H2'"  1 
ATOM   22  H "H2''" . DC  A 1 1  ? 9.416   -8.888  -10.256 1.00 0.00 ? 1  DC  A "H2''" 1 
ATOM   23  H "H1'"  . DC  A 1 1  ? 11.737  -9.461  -10.312 1.00 0.00 ? 1  DC  A "H1'"  1 
ATOM   24  H H41    . DC  A 1 1  ? 13.543  -3.731  -7.477  1.00 0.00 ? 1  DC  A H41    1 
ATOM   25  H H42    . DC  A 1 1  ? 14.389  -5.053  -6.682  1.00 0.00 ? 1  DC  A H42    1 
ATOM   26  H H5     . DC  A 1 1  ? 12.183  -4.091  -9.450  1.00 0.00 ? 1  DC  A H5     1 
ATOM   27  H H6     . DC  A 1 1  ? 11.180  -5.806  -10.863 1.00 0.00 ? 1  DC  A H6     1 
ATOM   28  H "HO5'" . DC  A 1 1  ? 11.653  -6.506  -13.611 1.00 0.00 ? 1  DC  A "HO5'" 1 
ATOM   29  P P      . DG  A 1 2  ? 8.159   -11.023 -11.786 1.00 0.00 ? 2  DG  A P      1 
ATOM   30  O OP1    . DG  A 1 2  ? 7.819   -12.300 -12.510 1.00 0.00 ? 2  DG  A OP1    1 
ATOM   31  O OP2    . DG  A 1 2  ? 7.163   -9.914  -12.030 1.00 0.00 ? 2  DG  A OP2    1 
ATOM   32  O "O5'"  . DG  A 1 2  ? 8.455   -11.230 -10.187 1.00 0.00 ? 2  DG  A "O5'"  1 
ATOM   33  C "C5'"  . DG  A 1 2  ? 9.129   -12.446 -9.770  1.00 0.00 ? 2  DG  A "C5'"  1 
ATOM   34  C "C4'"  . DG  A 1 2  ? 9.211   -12.548 -8.234  1.00 0.00 ? 2  DG  A "C4'"  1 
ATOM   35  O "O4'"  . DG  A 1 2  ? 9.947   -11.417 -7.698  1.00 0.00 ? 2  DG  A "O4'"  1 
ATOM   36  C "C3'"  . DG  A 1 2  ? 7.835   -12.537 -7.533  1.00 0.00 ? 2  DG  A "C3'"  1 
ATOM   37  O "O3'"  . DG  A 1 2  ? 7.825   -13.600 -6.545  1.00 0.00 ? 2  DG  A "O3'"  1 
ATOM   38  C "C2'"  . DG  A 1 2  ? 7.791   -11.156 -6.863  1.00 0.00 ? 2  DG  A "C2'"  1 
ATOM   39  C "C1'"  . DG  A 1 2  ? 9.268   -10.897 -6.535  1.00 0.00 ? 2  DG  A "C1'"  1 
ATOM   40  N N9     . DG  A 1 2  ? 9.587   -9.485  -6.341  1.00 0.00 ? 2  DG  A N9     1 
ATOM   41  C C8     . DG  A 1 2  ? 9.269   -8.454  -7.201  1.00 0.00 ? 2  DG  A C8     1 
ATOM   42  N N7     . DG  A 1 2  ? 9.860   -7.225  -6.854  1.00 0.00 ? 2  DG  A N7     1 
ATOM   43  C C5     . DG  A 1 2  ? 10.632  -7.605  -5.741  1.00 0.00 ? 2  DG  A C5     1 
ATOM   44  C C6     . DG  A 1 2  ? 11.560  -6.748  -4.916  1.00 0.00 ? 2  DG  A C6     1 
ATOM   45  O O6     . DG  A 1 2  ? 11.857  -5.533  -5.044  1.00 0.00 ? 2  DG  A O6     1 
ATOM   46  N N1     . DG  A 1 2  ? 12.147  -7.472  -3.900  1.00 0.00 ? 2  DG  A N1     1 
ATOM   47  C C2     . DG  A 1 2  ? 11.930  -8.789  -3.665  1.00 0.00 ? 2  DG  A C2     1 
ATOM   48  N N2     . DG  A 1 2  ? 12.542  -9.308  -2.635  1.00 0.00 ? 2  DG  A N2     1 
ATOM   49  N N3     . DG  A 1 2  ? 11.137  -9.602  -4.367  1.00 0.00 ? 2  DG  A N3     1 
ATOM   50  C C4     . DG  A 1 2  ? 10.477  -8.948  -5.436  1.00 0.00 ? 2  DG  A C4     1 
ATOM   51  H "H5'"  . DG  A 1 2  ? 10.137  -12.453 -10.184 1.00 0.00 ? 2  DG  A "H5'"  1 
ATOM   52  H "H5''" . DG  A 1 2  ? 8.591   -13.313 -10.156 1.00 0.00 ? 2  DG  A "H5''" 1 
ATOM   53  H "H4'"  . DG  A 1 2  ? 9.731   -13.467 -7.970  1.00 0.00 ? 2  DG  A "H4'"  1 
ATOM   54  H "H3'"  . DG  A 1 2  ? 7.014   -12.669 -8.240  1.00 0.00 ? 2  DG  A "H3'"  1 
ATOM   55  H "H2'"  . DG  A 1 2  ? 7.416   -10.443 -7.594  1.00 0.00 ? 2  DG  A "H2'"  1 
ATOM   56  H "H2''" . DG  A 1 2  ? 7.157   -11.133 -5.980  1.00 0.00 ? 2  DG  A "H2''" 1 
ATOM   57  H "H1'"  . DG  A 1 2  ? 9.544   -11.473 -5.645  1.00 0.00 ? 2  DG  A "H1'"  1 
ATOM   58  H H8     . DG  A 1 2  ? 8.688   -8.627  -8.097  1.00 0.00 ? 2  DG  A H8     1 
ATOM   59  H H1     . DG  A 1 2  ? 12.747  -6.964  -3.281  1.00 0.00 ? 2  DG  A H1     1 
ATOM   60  H H21    . DG  A 1 2  ? 12.295  -10.248 -2.402  1.00 0.00 ? 2  DG  A H21    1 
ATOM   61  H H22    . DG  A 1 2  ? 13.081  -8.711  -2.008  1.00 0.00 ? 2  DG  A H22    1 
ATOM   62  P P      . DC  A 1 3  ? 6.460   -13.921 -5.701  1.00 0.00 ? 3  DC  A P      1 
ATOM   63  O OP1    . DC  A 1 3  ? 6.302   -15.408 -5.483  1.00 0.00 ? 3  DC  A OP1    1 
ATOM   64  O OP2    . DC  A 1 3  ? 5.229   -13.313 -6.328  1.00 0.00 ? 3  DC  A OP2    1 
ATOM   65  O "O5'"  . DC  A 1 3  ? 6.934   -13.138 -4.340  1.00 0.00 ? 3  DC  A "O5'"  1 
ATOM   66  C "C5'"  . DC  A 1 3  ? 7.942   -13.784 -3.519  1.00 0.00 ? 3  DC  A "C5'"  1 
ATOM   67  C "C4'"  . DC  A 1 3  ? 8.278   -12.961 -2.262  1.00 0.00 ? 3  DC  A "C4'"  1 
ATOM   68  O "O4'"  . DC  A 1 3  ? 8.745   -11.636 -2.617  1.00 0.00 ? 3  DC  A "O4'"  1 
ATOM   69  C "C3'"  . DC  A 1 3  ? 7.086   -12.758 -1.303  1.00 0.00 ? 3  DC  A "C3'"  1 
ATOM   70  O "O3'"  . DC  A 1 3  ? 7.528   -13.124 0.028   1.00 0.00 ? 3  DC  A "O3'"  1 
ATOM   71  C "C2'"  . DC  A 1 3  ? 6.804   -11.249 -1.386  1.00 0.00 ? 3  DC  A "C2'"  1 
ATOM   72  C "C1'"  . DC  A 1 3  ? 8.194   -10.670 -1.699  1.00 0.00 ? 3  DC  A "C1'"  1 
ATOM   73  N N1     . DC  A 1 3  ? 8.184   -9.344  -2.328  1.00 0.00 ? 3  DC  A N1     1 
ATOM   74  C C2     . DC  A 1 3  ? 8.978   -8.305  -1.806  1.00 0.00 ? 3  DC  A C2     1 
ATOM   75  O O2     . DC  A 1 3  ? 9.750   -8.437  -0.815  1.00 0.00 ? 3  DC  A O2     1 
ATOM   76  N N3     . DC  A 1 3  ? 8.967   -7.081  -2.390  1.00 0.00 ? 3  DC  A N3     1 
ATOM   77  C C4     . DC  A 1 3  ? 8.211   -6.895  -3.447  1.00 0.00 ? 3  DC  A C4     1 
ATOM   78  N N4     . DC  A 1 3  ? 8.285   -5.726  -4.004  1.00 0.00 ? 3  DC  A N4     1 
ATOM   79  C C5     . DC  A 1 3  ? 7.429   -7.912  -4.056  1.00 0.00 ? 3  DC  A C5     1 
ATOM   80  C C6     . DC  A 1 3  ? 7.447   -9.132  -3.470  1.00 0.00 ? 3  DC  A C6     1 
ATOM   81  H "H5'"  . DC  A 1 3  ? 8.851   -13.912 -4.107  1.00 0.00 ? 3  DC  A "H5'"  1 
ATOM   82  H "H5''" . DC  A 1 3  ? 7.587   -14.770 -3.218  1.00 0.00 ? 3  DC  A "H5''" 1 
ATOM   83  H "H4'"  . DC  A 1 3  ? 9.074   -13.474 -1.722  1.00 0.00 ? 3  DC  A "H4'"  1 
ATOM   84  H "H3'"  . DC  A 1 3  ? 6.218   -13.351 -1.598  1.00 0.00 ? 3  DC  A "H3'"  1 
ATOM   85  H "H2'"  . DC  A 1 3  ? 6.097   -11.086 -2.196  1.00 0.00 ? 3  DC  A "H2'"  1 
ATOM   86  H "H2''" . DC  A 1 3  ? 6.387   -10.852 -0.463  1.00 0.00 ? 3  DC  A "H2''" 1 
ATOM   87  H "H1'"  . DC  A 1 3  ? 8.781   -10.674 -0.774  1.00 0.00 ? 3  DC  A "H1'"  1 
ATOM   88  H H41    . DC  A 1 3  ? 7.905   -5.592  -4.914  1.00 0.00 ? 3  DC  A H41    1 
ATOM   89  H H42    . DC  A 1 3  ? 8.946   -5.068  -3.596  1.00 0.00 ? 3  DC  A H42    1 
ATOM   90  H H5     . DC  A 1 3  ? 6.859   -7.747  -4.955  1.00 0.00 ? 3  DC  A H5     1 
ATOM   91  H H6     . DC  A 1 3  ? 6.902   -9.962  -3.909  1.00 0.00 ? 3  DC  A H6     1 
ATOM   92  P P      . DA  A 1 4  ? 6.454   -13.212 1.258   1.00 0.00 ? 4  DA  A P      1 
ATOM   93  O OP1    . DA  A 1 4  ? 6.812   -14.365 2.160   1.00 0.00 ? 4  DA  A OP1    1 
ATOM   94  O OP2    . DA  A 1 4  ? 5.016   -13.236 0.802   1.00 0.00 ? 4  DA  A OP2    1 
ATOM   95  O "O5'"  . DA  A 1 4  ? 6.835   -11.773 1.928   1.00 0.00 ? 4  DA  A "O5'"  1 
ATOM   96  C "C5'"  . DA  A 1 4  ? 8.080   -11.680 2.663   1.00 0.00 ? 4  DA  A "C5'"  1 
ATOM   97  C "C4'"  . DA  A 1 4  ? 8.231   -10.300 3.322   1.00 0.00 ? 4  DA  A "C4'"  1 
ATOM   98  O "O4'"  . DA  A 1 4  ? 8.199   -9.248  2.327   1.00 0.00 ? 4  DA  A "O4'"  1 
ATOM   99  C "C3'"  . DA  A 1 4  ? 7.106   -9.972  4.321   1.00 0.00 ? 4  DA  A "C3'"  1 
ATOM   100 O "O3'"  . DA  A 1 4  ? 7.735   -9.497  5.535   1.00 0.00 ? 4  DA  A "O3'"  1 
ATOM   101 C "C2'"  . DA  A 1 4  ? 6.323   -8.842  3.636   1.00 0.00 ? 4  DA  A "C2'"  1 
ATOM   102 C "C1'"  . DA  A 1 4  ? 7.421   -8.143  2.827   1.00 0.00 ? 4  DA  A "C1'"  1 
ATOM   103 N N9     . DA  A 1 4  ? 6.902   -7.358  1.716   1.00 0.00 ? 4  DA  A N9     1 
ATOM   104 C C8     . DA  A 1 4  ? 6.129   -7.837  0.686   1.00 0.00 ? 4  DA  A C8     1 
ATOM   105 N N7     . DA  A 1 4  ? 5.931   -6.892  -0.336  1.00 0.00 ? 4  DA  A N7     1 
ATOM   106 C C5     . DA  A 1 4  ? 6.719   -5.815  0.109   1.00 0.00 ? 4  DA  A C5     1 
ATOM   107 C C6     . DA  A 1 4  ? 7.037   -4.528  -0.390  1.00 0.00 ? 4  DA  A C6     1 
ATOM   108 N N6     . DA  A 1 4  ? 6.546   -4.042  -1.513  1.00 0.00 ? 4  DA  A N6     1 
ATOM   109 N N1     . DA  A 1 4  ? 7.846   -3.699  0.254   1.00 0.00 ? 4  DA  A N1     1 
ATOM   110 C C2     . DA  A 1 4  ? 8.361   -4.090  1.416   1.00 0.00 ? 4  DA  A C2     1 
ATOM   111 N N3     . DA  A 1 4  ? 8.162   -5.241  2.043   1.00 0.00 ? 4  DA  A N3     1 
ATOM   112 C C4     . DA  A 1 4  ? 7.313   -6.103  1.331   1.00 0.00 ? 4  DA  A C4     1 
ATOM   113 H "H5'"  . DA  A 1 4  ? 8.913   -11.848 1.982   1.00 0.00 ? 4  DA  A "H5'"  1 
ATOM   114 H "H5''" . DA  A 1 4  ? 8.102   -12.448 3.438   1.00 0.00 ? 4  DA  A "H5''" 1 
ATOM   115 H "H4'"  . DA  A 1 4  ? 9.187   -10.264 3.844   1.00 0.00 ? 4  DA  A "H4'"  1 
ATOM   116 H "H3'"  . DA  A 1 4  ? 6.473   -10.840 4.520   1.00 0.00 ? 4  DA  A "H3'"  1 
ATOM   117 H "H2'"  . DA  A 1 4  ? 5.576   -9.290  2.983   1.00 0.00 ? 4  DA  A "H2'"  1 
ATOM   118 H "H2''" . DA  A 1 4  ? 5.838   -8.172  4.344   1.00 0.00 ? 4  DA  A "H2''" 1 
ATOM   119 H "H1'"  . DA  A 1 4  ? 8.023   -7.521  3.497   1.00 0.00 ? 4  DA  A "H1'"  1 
ATOM   120 H H8     . DA  A 1 4  ? 5.786   -8.864  0.654   1.00 0.00 ? 4  DA  A H8     1 
ATOM   121 H H61    . DA  A 1 4  ? 5.906   -4.605  -2.031  1.00 0.00 ? 4  DA  A H61    1 
ATOM   122 H H62    . DA  A 1 4  ? 6.841   -3.114  -1.805  1.00 0.00 ? 4  DA  A H62    1 
ATOM   123 H H2     . DA  A 1 4  ? 9.016   -3.385  1.908   1.00 0.00 ? 4  DA  A H2     1 
ATOM   124 P P      . DT  A 1 5  ? 6.845   -9.357  6.898   1.00 0.00 ? 5  DT  A P      1 
ATOM   125 O OP1    . DT  A 1 5  ? 7.724   -9.741  8.066   1.00 0.00 ? 5  DT  A OP1    1 
ATOM   126 O OP2    . DT  A 1 5  ? 5.577   -10.173 6.832   1.00 0.00 ? 5  DT  A OP2    1 
ATOM   127 O "O5'"  . DT  A 1 5  ? 6.595   -7.750  6.736   1.00 0.00 ? 5  DT  A "O5'"  1 
ATOM   128 C "C5'"  . DT  A 1 5  ? 7.645   -6.853  7.180   1.00 0.00 ? 5  DT  A "C5'"  1 
ATOM   129 C "C4'"  . DT  A 1 5  ? 7.283   -5.380  6.919   1.00 0.00 ? 5  DT  A "C4'"  1 
ATOM   130 O "O4'"  . DT  A 1 5  ? 7.016   -5.131  5.526   1.00 0.00 ? 5  DT  A "O4'"  1 
ATOM   131 C "C3'"  . DT  A 1 5  ? 6.026   -4.887  7.649   1.00 0.00 ? 5  DT  A "C3'"  1 
ATOM   132 O "O3'"  . DT  A 1 5  ? 6.445   -4.165  8.829   1.00 0.00 ? 5  DT  A "O3'"  1 
ATOM   133 C "C2'"  . DT  A 1 5  ? 5.338   -3.926  6.658   1.00 0.00 ? 5  DT  A "C2'"  1 
ATOM   134 C "C1'"  . DT  A 1 5  ? 6.263   -3.906  5.429   1.00 0.00 ? 5  DT  A "C1'"  1 
ATOM   135 N N1     . DT  A 1 5  ? 5.548   -3.854  4.153   1.00 0.00 ? 5  DT  A N1     1 
ATOM   136 C C2     . DT  A 1 5  ? 5.676   -2.711  3.352   1.00 0.00 ? 5  DT  A C2     1 
ATOM   137 O O2     . DT  A 1 5  ? 6.355   -1.694  3.647   1.00 0.00 ? 5  DT  A O2     1 
ATOM   138 N N3     . DT  A 1 5  ? 5.013   -2.719  2.150   1.00 0.00 ? 5  DT  A N3     1 
ATOM   139 C C4     . DT  A 1 5  ? 4.216   -3.735  1.677   1.00 0.00 ? 5  DT  A C4     1 
ATOM   140 O O4     . DT  A 1 5  ? 3.684   -3.612  0.540   1.00 0.00 ? 5  DT  A O4     1 
ATOM   141 C C5     . DT  A 1 5  ? 4.093   -4.887  2.574   1.00 0.00 ? 5  DT  A C5     1 
ATOM   142 C C7     . DT  A 1 5  ? 3.238   -6.077  2.180   1.00 0.00 ? 5  DT  A C7     1 
ATOM   143 C C6     . DT  A 1 5  ? 4.761   -4.916  3.759   1.00 0.00 ? 5  DT  A C6     1 
ATOM   144 H "H5'"  . DT  A 1 5  ? 8.565   -7.091  6.648   1.00 0.00 ? 5  DT  A "H5'"  1 
ATOM   145 H "H5''" . DT  A 1 5  ? 7.809   -6.996  8.249   1.00 0.00 ? 5  DT  A "H5''" 1 
ATOM   146 H "H4'"  . DT  A 1 5  ? 8.121   -4.756  7.225   1.00 0.00 ? 5  DT  A "H4'"  1 
ATOM   147 H "H3'"  . DT  A 1 5  ? 5.372   -5.727  7.896   1.00 0.00 ? 5  DT  A "H3'"  1 
ATOM   148 H "H2'"  . DT  A 1 5  ? 4.349   -4.311  6.417   1.00 0.00 ? 5  DT  A "H2'"  1 
ATOM   149 H "H2''" . DT  A 1 5  ? 5.235   -2.921  7.068   1.00 0.00 ? 5  DT  A "H2''" 1 
ATOM   150 H "H1'"  . DT  A 1 5  ? 6.954   -3.066  5.532   1.00 0.00 ? 5  DT  A "H1'"  1 
ATOM   151 H H3     . DT  A 1 5  ? 5.096   -1.895  1.585   1.00 0.00 ? 5  DT  A H3     1 
ATOM   152 H H71    . DT  A 1 5  ? 3.490   -6.379  1.165   1.00 0.00 ? 5  DT  A H71    1 
ATOM   153 H H72    . DT  A 1 5  ? 3.401   -6.916  2.854   1.00 0.00 ? 5  DT  A H72    1 
ATOM   154 H H73    . DT  A 1 5  ? 2.189   -5.785  2.204   1.00 0.00 ? 5  DT  A H73    1 
ATOM   155 H H6     . DT  A 1 5  ? 4.688   -5.774  4.417   1.00 0.00 ? 5  DT  A H6     1 
HETATM 156 P P      . GNE A 1 6  ? 5.408   -4.037  10.087  1.00 0.00 ? 6  GNE A P      1 
HETATM 157 O OP1    . GNE A 1 6  ? 6.199   -3.702  11.333  1.00 0.00 ? 6  GNE A OP1    1 
HETATM 158 O OP2    . GNE A 1 6  ? 4.566   -5.272  10.286  1.00 0.00 ? 6  GNE A OP2    1 
HETATM 159 O "O5'"  . GNE A 1 6  ? 4.529   -2.773  9.535   1.00 0.00 ? 6  GNE A "O5'"  1 
HETATM 160 C "C5'"  . GNE A 1 6  ? 4.933   -1.441  9.935   1.00 0.00 ? 6  GNE A "C5'"  1 
HETATM 161 C "C4'"  . GNE A 1 6  ? 3.961   -0.366  9.416   1.00 0.00 ? 6  GNE A "C4'"  1 
HETATM 162 O "O4'"  . GNE A 1 6  ? 3.955   -0.288  7.974   1.00 0.00 ? 6  GNE A "O4'"  1 
HETATM 163 C "C3'"  . GNE A 1 6  ? 2.486   -0.568  9.796   1.00 0.00 ? 6  GNE A "C3'"  1 
HETATM 164 O "O3'"  . GNE A 1 6  ? 2.241   0.058   11.083  1.00 0.00 ? 6  GNE A "O3'"  1 
HETATM 165 C "C2'"  . GNE A 1 6  ? 1.731   0.136   8.646   1.00 0.00 ? 6  GNE A "C2'"  1 
HETATM 166 C "C1'"  . GNE A 1 6  ? 2.787   0.455   7.565   1.00 0.00 ? 6  GNE A "C1'"  1 
HETATM 167 N N9     . GNE A 1 6  ? 2.384   0.093   6.209   1.00 0.00 ? 6  GNE A N9     1 
HETATM 168 C C8     . GNE A 1 6  ? 2.192   -1.186  5.733   1.00 0.00 ? 6  GNE A C8     1 
HETATM 169 N N7     . GNE A 1 6  ? 2.016   -1.242  4.337   1.00 0.00 ? 6  GNE A N7     1 
HETATM 170 C C5     . GNE A 1 6  ? 2.153   0.117   3.978   1.00 0.00 ? 6  GNE A C5     1 
HETATM 171 C C6     . GNE A 1 6  ? 2.095   0.730   2.594   1.00 0.00 ? 6  GNE A C6     1 
HETATM 172 O O6     . GNE A 1 6  ? 1.854   0.165   1.481   1.00 0.00 ? 6  GNE A O6     1 
HETATM 173 N N1     . GNE A 1 6  ? 2.369   2.098   2.641   1.00 0.00 ? 6  GNE A N1     1 
HETATM 174 C C2     . GNE A 1 6  ? 2.607   2.812   3.771   1.00 0.00 ? 6  GNE A C2     1 
HETATM 175 N N2     . GNE A 1 6  ? 2.858   4.111   3.510   1.00 0.00 ? 6  GNE A N2     1 
HETATM 176 C CM2    . GNE A 1 6  ? 2.797   4.199   2.137   1.00 0.00 ? 6  GNE A CM2    1 
HETATM 177 N N3     . GNE A 1 6  ? 2.639   2.300   5.069   1.00 0.00 ? 6  GNE A N3     1 
HETATM 178 C C11    . GNE A 1 6  ? 2.513   2.981   1.576   1.00 0.00 ? 6  GNE A C11    1 
HETATM 179 C C4     . GNE A 1 6  ? 2.390   0.908   5.099   1.00 0.00 ? 6  GNE A C4     1 
HETATM 180 H "H5'"  . GNE A 1 6  ? 5.936   -1.246  9.555   1.00 0.00 ? 6  GNE A "H5'"  1 
HETATM 181 H "H5''" . GNE A 1 6  ? 4.957   -1.391  11.024  1.00 0.00 ? 6  GNE A "H5''" 1 
HETATM 182 H "H4'"  . GNE A 1 6  ? 4.280   0.599   9.808   1.00 0.00 ? 6  GNE A "H4'"  1 
HETATM 183 H "H3'"  . GNE A 1 6  ? 2.238   -1.631  9.823   1.00 0.00 ? 6  GNE A "H3'"  1 
HETATM 184 H "H2'"  . GNE A 1 6  ? 0.949   -0.523  8.269   1.00 0.00 ? 6  GNE A "H2'"  1 
HETATM 185 H "H2''" . GNE A 1 6  ? 1.280   1.065   8.991   1.00 0.00 ? 6  GNE A "H2''" 1 
HETATM 186 H "H1'"  . GNE A 1 6  ? 3.006   1.525   7.593   1.00 0.00 ? 6  GNE A "H1'"  1 
HETATM 187 H H8     . GNE A 1 6  ? 2.260   -2.044  6.389   1.00 0.00 ? 6  GNE A H8     1 
HETATM 188 H H2     . GNE A 1 6  ? 2.982   4.802   4.208   1.00 0.00 ? 6  GNE A H2     1 
HETATM 189 H HM2    . GNE A 1 6  ? 2.968   5.093   1.544   1.00 0.00 ? 6  GNE A HM2    1 
HETATM 190 H H11    . GNE A 1 6  ? 2.455   2.789   0.512   1.00 0.00 ? 6  GNE A H11    1 
ATOM   191 P P      . DG  A 1 7  ? 0.790   -0.097  11.834  1.00 0.00 ? 7  DG  A P      1 
ATOM   192 O OP1    . DG  A 1 7  ? 0.945   -0.076  13.338  1.00 0.00 ? 7  DG  A OP1    1 
ATOM   193 O OP2    . DG  A 1 7  ? -0.066  -1.246  11.365  1.00 0.00 ? 7  DG  A OP2    1 
ATOM   194 O "O5'"  . DG  A 1 7  ? 0.183   1.329   11.333  1.00 0.00 ? 7  DG  A "O5'"  1 
ATOM   195 C "C5'"  . DG  A 1 7  ? 0.701   2.519   11.977  1.00 0.00 ? 7  DG  A "C5'"  1 
ATOM   196 C "C4'"  . DG  A 1 7  ? 0.123   3.789   11.341  1.00 0.00 ? 7  DG  A "C4'"  1 
ATOM   197 O "O4'"  . DG  A 1 7  ? 0.224   3.701   9.899   1.00 0.00 ? 7  DG  A "O4'"  1 
ATOM   198 C "C3'"  . DG  A 1 7  ? -1.363  4.025   11.667  1.00 0.00 ? 7  DG  A "C3'"  1 
ATOM   199 O "O3'"  . DG  A 1 7  ? -1.514  5.434   11.962  1.00 0.00 ? 7  DG  A "O3'"  1 
ATOM   200 C "C2'"  . DG  A 1 7  ? -2.091  3.633   10.376  1.00 0.00 ? 7  DG  A "C2'"  1 
ATOM   201 C "C1'"  . DG  A 1 7  ? -1.059  3.926   9.277   1.00 0.00 ? 7  DG  A "C1'"  1 
ATOM   202 N N9     . DG  A 1 7  ? -1.209  3.057   8.116   1.00 0.00 ? 7  DG  A N9     1 
ATOM   203 C C8     . DG  A 1 7  ? -1.342  1.680   8.122   1.00 0.00 ? 7  DG  A C8     1 
ATOM   204 N N7     . DG  A 1 7  ? -1.366  1.123   6.832   1.00 0.00 ? 7  DG  A N7     1 
ATOM   205 C C5     . DG  A 1 7  ? -1.121  2.255   6.039   1.00 0.00 ? 7  DG  A C5     1 
ATOM   206 C C6     . DG  A 1 7  ? -1.006  2.331   4.545   1.00 0.00 ? 7  DG  A C6     1 
ATOM   207 O O6     . DG  A 1 7  ? -1.119  1.413   3.688   1.00 0.00 ? 7  DG  A O6     1 
ATOM   208 N N1     . DG  A 1 7  ? -0.765  3.620   4.119   1.00 0.00 ? 7  DG  A N1     1 
ATOM   209 C C2     . DG  A 1 7  ? -0.661  4.694   4.942   1.00 0.00 ? 7  DG  A C2     1 
ATOM   210 N N2     . DG  A 1 7  ? -0.512  5.859   4.381   1.00 0.00 ? 7  DG  A N2     1 
ATOM   211 N N3     . DG  A 1 7  ? -0.800  4.701   6.267   1.00 0.00 ? 7  DG  A N3     1 
ATOM   212 C C4     . DG  A 1 7  ? -1.016  3.407   6.802   1.00 0.00 ? 7  DG  A C4     1 
ATOM   213 H "H5'"  . DG  A 1 7  ? 1.785   2.535   11.867  1.00 0.00 ? 7  DG  A "H5'"  1 
ATOM   214 H "H5''" . DG  A 1 7  ? 0.467   2.495   13.042  1.00 0.00 ? 7  DG  A "H5''" 1 
ATOM   215 H "H4'"  . DG  A 1 7  ? 0.700   4.642   11.690  1.00 0.00 ? 7  DG  A "H4'"  1 
ATOM   216 H "H3'"  . DG  A 1 7  ? -1.701  3.421   12.512  1.00 0.00 ? 7  DG  A "H3'"  1 
ATOM   217 H "H2'"  . DG  A 1 7  ? -2.328  2.573   10.432  1.00 0.00 ? 7  DG  A "H2'"  1 
ATOM   218 H "H2''" . DG  A 1 7  ? -3.012  4.192   10.228  1.00 0.00 ? 7  DG  A "H2''" 1 
ATOM   219 H "H1'"  . DG  A 1 7  ? -1.136  4.974   8.976   1.00 0.00 ? 7  DG  A "H1'"  1 
ATOM   220 H H8     . DG  A 1 7  ? -1.267  1.086   9.026   1.00 0.00 ? 7  DG  A H8     1 
ATOM   221 H H1     . DG  A 1 7  ? -0.652  3.746   3.134   1.00 0.00 ? 7  DG  A H1     1 
ATOM   222 H H21    . DG  A 1 7  ? -0.585  6.650   4.985   1.00 0.00 ? 7  DG  A H21    1 
ATOM   223 H H22    . DG  A 1 7  ? -0.532  5.919   3.366   1.00 0.00 ? 7  DG  A H22    1 
ATOM   224 P P      . DA  A 1 8  ? -2.952  6.020   12.457  1.00 0.00 ? 8  DA  A P      1 
ATOM   225 O OP1    . DA  A 1 8  ? -2.737  7.097   13.495  1.00 0.00 ? 8  DA  A OP1    1 
ATOM   226 O OP2    . DA  A 1 8  ? -3.899  4.941   12.923  1.00 0.00 ? 8  DA  A OP2    1 
ATOM   227 O "O5'"  . DA  A 1 8  ? -3.386  6.638   11.013  1.00 0.00 ? 8  DA  A "O5'"  1 
ATOM   228 C "C5'"  . DA  A 1 8  ? -2.699  7.833   10.569  1.00 0.00 ? 8  DA  A "C5'"  1 
ATOM   229 C "C4'"  . DA  A 1 8  ? -3.158  8.234   9.161   1.00 0.00 ? 8  DA  A "C4'"  1 
ATOM   230 O "O4'"  . DA  A 1 8  ? -2.939  7.150   8.225   1.00 0.00 ? 8  DA  A "O4'"  1 
ATOM   231 C "C3'"  . DA  A 1 8  ? -4.655  8.592   9.071   1.00 0.00 ? 8  DA  A "C3'"  1 
ATOM   232 O "O3'"  . DA  A 1 8  ? -4.748  9.968   8.623   1.00 0.00 ? 8  DA  A "O3'"  1 
ATOM   233 C "C2'"  . DA  A 1 8  ? -5.206  7.611   8.025   1.00 0.00 ? 8  DA  A "C2'"  1 
ATOM   234 C "C1'"  . DA  A 1 8  ? -3.973  7.173   7.222   1.00 0.00 ? 8  DA  A "C1'"  1 
ATOM   235 N N9     . DA  A 1 8  ? -4.132  5.854   6.620   1.00 0.00 ? 8  DA  A N9     1 
ATOM   236 C C8     . DA  A 1 8  ? -4.343  4.673   7.296   1.00 0.00 ? 8  DA  A C8     1 
ATOM   237 N N7     . DA  A 1 8  ? -4.491  3.569   6.441   1.00 0.00 ? 8  DA  A N7     1 
ATOM   238 C C5     . DA  A 1 8  ? -4.294  4.156   5.174   1.00 0.00 ? 8  DA  A C5     1 
ATOM   239 C C6     . DA  A 1 8  ? -4.270  3.669   3.846   1.00 0.00 ? 8  DA  A C6     1 
ATOM   240 N N6     . DA  A 1 8  ? -4.436  2.406   3.516   1.00 0.00 ? 8  DA  A N6     1 
ATOM   241 N N1     . DA  A 1 8  ? -4.062  4.474   2.805   1.00 0.00 ? 8  DA  A N1     1 
ATOM   242 C C2     . DA  A 1 8  ? -3.834  5.759   3.041   1.00 0.00 ? 8  DA  A C2     1 
ATOM   243 N N3     . DA  A 1 8  ? -3.827  6.395   4.209   1.00 0.00 ? 8  DA  A N3     1 
ATOM   244 C C4     . DA  A 1 8  ? -4.077  5.520   5.287   1.00 0.00 ? 8  DA  A C4     1 
ATOM   245 H "H5'"  . DA  A 1 8  ? -1.627  7.644   10.548  1.00 0.00 ? 8  DA  A "H5'"  1 
ATOM   246 H "H5''" . DA  A 1 8  ? -2.897  8.647   11.267  1.00 0.00 ? 8  DA  A "H5''" 1 
ATOM   247 H "H4'"  . DA  A 1 8  ? -2.572  9.093   8.836   1.00 0.00 ? 8  DA  A "H4'"  1 
ATOM   248 H "H3'"  . DA  A 1 8  ? -5.164  8.466   10.029  1.00 0.00 ? 8  DA  A "H3'"  1 
ATOM   249 H "H2'"  . DA  A 1 8  ? -5.647  6.763   8.547   1.00 0.00 ? 8  DA  A "H2'"  1 
ATOM   250 H "H2''" . DA  A 1 8  ? -5.956  8.072   7.395   1.00 0.00 ? 8  DA  A "H2''" 1 
ATOM   251 H "H1'"  . DA  A 1 8  ? -3.742  7.921   6.458   1.00 0.00 ? 8  DA  A "H1'"  1 
ATOM   252 H H8     . DA  A 1 8  ? -4.375  4.620   8.376   1.00 0.00 ? 8  DA  A H8     1 
ATOM   253 H H61    . DA  A 1 8  ? -4.447  1.731   4.259   1.00 0.00 ? 8  DA  A H61    1 
ATOM   254 H H62    . DA  A 1 8  ? -4.342  2.121   2.546   1.00 0.00 ? 8  DA  A H62    1 
ATOM   255 H H2     . DA  A 1 8  ? -3.647  6.372   2.170   1.00 0.00 ? 8  DA  A H2     1 
ATOM   256 P P      . DA  A 1 9  ? -6.197  10.734  8.541   1.00 0.00 ? 9  DA  A P      1 
ATOM   257 O OP1    . DA  A 1 9  ? -6.064  12.172  8.975   1.00 0.00 ? 9  DA  A OP1    1 
ATOM   258 O OP2    . DA  A 1 9  ? -7.312  10.029  9.274   1.00 0.00 ? 9  DA  A OP2    1 
ATOM   259 O "O5'"  . DA  A 1 9  ? -6.335  10.622  6.916   1.00 0.00 ? 9  DA  A "O5'"  1 
ATOM   260 C "C5'"  . DA  A 1 9  ? -5.486  11.485  6.113   1.00 0.00 ? 9  DA  A "C5'"  1 
ATOM   261 C "C4'"  . DA  A 1 9  ? -5.629  11.174  4.613   1.00 0.00 ? 9  DA  A "C4'"  1 
ATOM   262 O "O4'"  . DA  A 1 9  ? -5.551  9.745   4.392   1.00 0.00 ? 9  DA  A "O4'"  1 
ATOM   263 C "C3'"  . DA  A 1 9  ? -6.967  11.644  4.013   1.00 0.00 ? 9  DA  A "C3'"  1 
ATOM   264 O "O3'"  . DA  A 1 9  ? -6.680  12.563  2.926   1.00 0.00 ? 9  DA  A "O3'"  1 
ATOM   265 C "C2'"  . DA  A 1 9  ? -7.619  10.351  3.495   1.00 0.00 ? 9  DA  A "C2'"  1 
ATOM   266 C "C1'"  . DA  A 1 9  ? -6.471  9.344   3.362   1.00 0.00 ? 9  DA  A "C1'"  1 
ATOM   267 N N9     . DA  A 1 9  ? -6.929  7.982   3.605   1.00 0.00 ? 9  DA  A N9     1 
ATOM   268 C C8     . DA  A 1 9  ? -7.208  7.432   4.834   1.00 0.00 ? 9  DA  A C8     1 
ATOM   269 N N7     . DA  A 1 9  ? -7.489  6.056   4.771   1.00 0.00 ? 9  DA  A N7     1 
ATOM   270 C C5     . DA  A 1 9  ? -7.362  5.796   3.388   1.00 0.00 ? 9  DA  A C5     1 
ATOM   271 C C6     . DA  A 1 9  ? -7.494  4.650   2.575   1.00 0.00 ? 9  DA  A C6     1 
ATOM   272 N N6     . DA  A 1 9  ? -7.776  3.451   3.033   1.00 0.00 ? 9  DA  A N6     1 
ATOM   273 N N1     . DA  A 1 9  ? -7.333  4.705   1.248   1.00 0.00 ? 9  DA  A N1     1 
ATOM   274 C C2     . DA  A 1 9  ? -7.026  5.876   0.705   1.00 0.00 ? 9  DA  A C2     1 
ATOM   275 N N3     . DA  A 1 9  ? -6.883  7.048   1.312   1.00 0.00 ? 9  DA  A N3     1 
ATOM   276 C C4     . DA  A 1 9  ? -7.043  6.956   2.706   1.00 0.00 ? 9  DA  A C4     1 
ATOM   277 H "H5'"  . DA  A 1 9  ? -4.449  11.325  6.400   1.00 0.00 ? 9  DA  A "H5'"  1 
ATOM   278 H "H5''" . DA  A 1 9  ? -5.737  12.530  6.303   1.00 0.00 ? 9  DA  A "H5''" 1 
ATOM   279 H "H4'"  . DA  A 1 9  ? -4.817  11.659  4.072   1.00 0.00 ? 9  DA  A "H4'"  1 
ATOM   280 H "H3'"  . DA  A 1 9  ? -7.594  12.123  4.768   1.00 0.00 ? 9  DA  A "H3'"  1 
ATOM   281 H "H2'"  . DA  A 1 9  ? -8.339  10.010  4.236   1.00 0.00 ? 9  DA  A "H2'"  1 
ATOM   282 H "H2''" . DA  A 1 9  ? -8.117  10.490  2.542   1.00 0.00 ? 9  DA  A "H2''" 1 
ATOM   283 H "H1'"  . DA  A 1 9  ? -5.997  9.430   2.379   1.00 0.00 ? 9  DA  A "H1'"  1 
ATOM   284 H H8     . DA  A 1 9  ? -7.272  8.050   5.718   1.00 0.00 ? 9  DA  A H8     1 
ATOM   285 H H61    . DA  A 1 9  ? -7.865  3.351   4.029   1.00 0.00 ? 9  DA  A H61    1 
ATOM   286 H H62    . DA  A 1 9  ? -7.793  2.655   2.405   1.00 0.00 ? 9  DA  A H62    1 
ATOM   287 H H2     . DA  A 1 9  ? -6.907  5.885   -0.371  1.00 0.00 ? 9  DA  A H2     1 
ATOM   288 P P      . DT  A 1 10 ? -7.850  13.569  2.368   1.00 0.00 ? 10 DT  A P      1 
ATOM   289 O OP1    . DT  A 1 10 ? -7.240  14.799  1.744   1.00 0.00 ? 10 DT  A OP1    1 
ATOM   290 O OP2    . DT  A 1 10 ? -8.850  13.956  3.430   1.00 0.00 ? 10 DT  A OP2    1 
ATOM   291 O "O5'"  . DT  A 1 10 ? -8.435  12.547  1.238   1.00 0.00 ? 10 DT  A "O5'"  1 
ATOM   292 C "C5'"  . DT  A 1 10 ? -7.640  12.356  0.038   1.00 0.00 ? 10 DT  A "C5'"  1 
ATOM   293 C "C4'"  . DT  A 1 10 ? -8.208  11.216  -0.819  1.00 0.00 ? 10 DT  A "C4'"  1 
ATOM   294 O "O4'"  . DT  A 1 10 ? -8.341  10.002  -0.045  1.00 0.00 ? 10 DT  A "O4'"  1 
ATOM   295 C "C3'"  . DT  A 1 10 ? -9.614  11.500  -1.370  1.00 0.00 ? 10 DT  A "C3'"  1 
ATOM   296 O "O3'"  . DT  A 1 10 ? -9.507  11.705  -2.795  1.00 0.00 ? 10 DT  A "O3'"  1 
ATOM   297 C "C2'"  . DT  A 1 10 ? -10.420 10.222  -1.081  1.00 0.00 ? 10 DT  A "C2'"  1 
ATOM   298 C "C1'"  . DT  A 1 10 ? -9.376  9.198   -0.628  1.00 0.00 ? 10 DT  A "C1'"  1 
ATOM   299 N N1     . DT  A 1 10 ? -9.908  8.235   0.337   1.00 0.00 ? 10 DT  A N1     1 
ATOM   300 C C2     . DT  A 1 10 ? -10.077 6.909   -0.073  1.00 0.00 ? 10 DT  A C2     1 
ATOM   301 O O2     . DT  A 1 10 ? -9.970  6.497   -1.255  1.00 0.00 ? 10 DT  A O2     1 
ATOM   302 N N3     . DT  A 1 10 ? -10.411 5.999   0.896   1.00 0.00 ? 10 DT  A N3     1 
ATOM   303 C C4     . DT  A 1 10 ? -10.673 6.289   2.214   1.00 0.00 ? 10 DT  A C4     1 
ATOM   304 O O4     . DT  A 1 10 ? -10.968 5.347   2.993   1.00 0.00 ? 10 DT  A O4     1 
ATOM   305 C C5     . DT  A 1 10 ? -10.614 7.712   2.552   1.00 0.00 ? 10 DT  A C5     1 
ATOM   306 C C7     . DT  A 1 10 ? -10.999 8.189   3.941   1.00 0.00 ? 10 DT  A C7     1 
ATOM   307 C C6     . DT  A 1 10 ? -10.245 8.629   1.617   1.00 0.00 ? 10 DT  A C6     1 
ATOM   308 H "H5'"  . DT  A 1 10 ? -6.617  12.104  0.315   1.00 0.00 ? 10 DT  A "H5'"  1 
ATOM   309 H "H5''" . DT  A 1 10 ? -7.623  13.282  -0.542  1.00 0.00 ? 10 DT  A "H5''" 1 
ATOM   310 H "H4'"  . DT  A 1 10 ? -7.536  11.027  -1.655  1.00 0.00 ? 10 DT  A "H4'"  1 
ATOM   311 H "H3'"  . DT  A 1 10 ? -10.057 12.366  -0.871  1.00 0.00 ? 10 DT  A "H3'"  1 
ATOM   312 H "H2'"  . DT  A 1 10 ? -11.143 10.432  -0.296  1.00 0.00 ? 10 DT  A "H2'"  1 
ATOM   313 H "H2''" . DT  A 1 10 ? -10.932 9.852   -1.963  1.00 0.00 ? 10 DT  A "H2''" 1 
ATOM   314 H "H1'"  . DT  A 1 10 ? -8.960  8.693   -1.506  1.00 0.00 ? 10 DT  A "H1'"  1 
ATOM   315 H H3     . DT  A 1 10 ? -10.485 5.047   0.601   1.00 0.00 ? 10 DT  A H3     1 
ATOM   316 H H71    . DT  A 1 10 ? -11.412 9.196   3.900   1.00 0.00 ? 10 DT  A H71    1 
ATOM   317 H H72    . DT  A 1 10 ? -10.122 8.173   4.588   1.00 0.00 ? 10 DT  A H72    1 
ATOM   318 H H73    . DT  A 1 10 ? -11.746 7.517   4.362   1.00 0.00 ? 10 DT  A H73    1 
ATOM   319 H H6     . DT  A 1 10 ? -10.171 9.680   1.874   1.00 0.00 ? 10 DT  A H6     1 
ATOM   320 P P      . DC  A 1 11 ? -10.676 12.544  -3.569  1.00 0.00 ? 11 DC  A P      1 
ATOM   321 O OP1    . DC  A 1 11 ? -10.132 13.052  -4.882  1.00 0.00 ? 11 DC  A OP1    1 
ATOM   322 O OP2    . DC  A 1 11 ? -11.243 13.648  -2.714  1.00 0.00 ? 11 DC  A OP2    1 
ATOM   323 O "O5'"  . DC  A 1 11 ? -11.707 11.295  -3.786  1.00 0.00 ? 11 DC  A "O5'"  1 
ATOM   324 C "C5'"  . DC  A 1 11 ? -11.492 10.448  -4.945  1.00 0.00 ? 11 DC  A "C5'"  1 
ATOM   325 C "C4'"  . DC  A 1 11 ? -12.432 9.230   -4.933  1.00 0.00 ? 11 DC  A "C4'"  1 
ATOM   326 O "O4'"  . DC  A 1 11 ? -12.220 8.426   -3.747  1.00 0.00 ? 11 DC  A "O4'"  1 
ATOM   327 C "C3'"  . DC  A 1 11 ? -13.926 9.588   -4.903  1.00 0.00 ? 11 DC  A "C3'"  1 
ATOM   328 O "O3'"  . DC  A 1 11 ? -14.486 9.564   -6.244  1.00 0.00 ? 11 DC  A "O3'"  1 
ATOM   329 C "C2'"  . DC  A 1 11 ? -14.544 8.480   -4.029  1.00 0.00 ? 11 DC  A "C2'"  1 
ATOM   330 C "C1'"  . DC  A 1 11 ? -13.382 7.615   -3.509  1.00 0.00 ? 11 DC  A "C1'"  1 
ATOM   331 N N1     . DC  A 1 11 ? -13.519 7.272   -2.084  1.00 0.00 ? 11 DC  A N1     1 
ATOM   332 C C2     . DC  A 1 11 ? -13.840 5.960   -1.702  1.00 0.00 ? 11 DC  A C2     1 
ATOM   333 O O2     . DC  A 1 11 ? -14.044 5.029   -2.530  1.00 0.00 ? 11 DC  A O2     1 
ATOM   334 N N3     . DC  A 1 11 ? -13.985 5.632   -0.396  1.00 0.00 ? 11 DC  A N3     1 
ATOM   335 C C4     . DC  A 1 11 ? -13.828 6.578   0.509   1.00 0.00 ? 11 DC  A C4     1 
ATOM   336 N N4     . DC  A 1 11 ? -13.948 6.218   1.753   1.00 0.00 ? 11 DC  A N4     1 
ATOM   337 C C5     . DC  A 1 11 ? -13.551 7.934   0.189   1.00 0.00 ? 11 DC  A C5     1 
ATOM   338 C C6     . DC  A 1 11 ? -13.404 8.251   -1.125  1.00 0.00 ? 11 DC  A C6     1 
ATOM   339 H "H5'"  . DC  A 1 11 ? -10.460 10.100  -4.945  1.00 0.00 ? 11 DC  A "H5'"  1 
ATOM   340 H "H5''" . DC  A 1 11 ? -11.663 11.032  -5.850  1.00 0.00 ? 11 DC  A "H5''" 1 
ATOM   341 H "H4'"  . DC  A 1 11 ? -12.235 8.619   -5.812  1.00 0.00 ? 11 DC  A "H4'"  1 
ATOM   342 H "H3'"  . DC  A 1 11 ? -14.067 10.568  -4.439  1.00 0.00 ? 11 DC  A "H3'"  1 
ATOM   343 H "H2'"  . DC  A 1 11 ? -15.081 8.957   -3.214  1.00 0.00 ? 11 DC  A "H2'"  1 
ATOM   344 H "H2''" . DC  A 1 11 ? -15.224 7.857   -4.603  1.00 0.00 ? 11 DC  A "H2''" 1 
ATOM   345 H "H1'"  . DC  A 1 11 ? -13.291 6.713   -4.123  1.00 0.00 ? 11 DC  A "H1'"  1 
ATOM   346 H H41    . DC  A 1 11 ? -13.807 6.877   2.491   1.00 0.00 ? 11 DC  A H41    1 
ATOM   347 H H42    . DC  A 1 11 ? -14.058 5.224   1.937   1.00 0.00 ? 11 DC  A H42    1 
ATOM   348 H H5     . DC  A 1 11 ? -13.444 8.699   0.942   1.00 0.00 ? 11 DC  A H5     1 
ATOM   349 H H6     . DC  A 1 11 ? -13.186 9.268   -1.441  1.00 0.00 ? 11 DC  A H6     1 
ATOM   350 P P      . DC  A 1 12 ? -15.919 10.310  -6.535  1.00 0.00 ? 12 DC  A P      1 
ATOM   351 O OP1    . DC  A 1 12 ? -16.128 10.613  -8.002  1.00 0.00 ? 12 DC  A OP1    1 
ATOM   352 O OP2    . DC  A 1 12 ? -16.220 11.479  -5.633  1.00 0.00 ? 12 DC  A OP2    1 
ATOM   353 O "O5'"  . DC  A 1 12 ? -16.898 9.092   -6.059  1.00 0.00 ? 12 DC  A "O5'"  1 
ATOM   354 C "C5'"  . DC  A 1 12 ? -17.195 8.029   -6.997  1.00 0.00 ? 12 DC  A "C5'"  1 
ATOM   355 C "C4'"  . DC  A 1 12 ? -18.066 6.968   -6.303  1.00 0.00 ? 12 DC  A "C4'"  1 
ATOM   356 O "O4'"  . DC  A 1 12 ? -17.391 6.499   -5.115  1.00 0.00 ? 12 DC  A "O4'"  1 
ATOM   357 C "C3'"  . DC  A 1 12 ? -19.415 7.515   -5.802  1.00 0.00 ? 12 DC  A "C3'"  1 
ATOM   358 O "O3'"  . DC  A 1 12 ? -20.479 7.252   -6.739  1.00 0.00 ? 12 DC  A "O3'"  1 
ATOM   359 C "C2'"  . DC  A 1 12 ? -19.672 6.751   -4.493  1.00 0.00 ? 12 DC  A "C2'"  1 
ATOM   360 C "C1'"  . DC  A 1 12 ? -18.322 6.125   -4.087  1.00 0.00 ? 12 DC  A "C1'"  1 
ATOM   361 N N1     . DC  A 1 12 ? -17.841 6.607   -2.785  1.00 0.00 ? 12 DC  A N1     1 
ATOM   362 C C2     . DC  A 1 12 ? -17.812 5.729   -1.688  1.00 0.00 ? 12 DC  A C2     1 
ATOM   363 O O2     . DC  A 1 12 ? -18.083 4.498   -1.775  1.00 0.00 ? 12 DC  A O2     1 
ATOM   364 N N3     . DC  A 1 12 ? -17.536 6.200   -0.451  1.00 0.00 ? 12 DC  A N3     1 
ATOM   365 C C4     . DC  A 1 12 ? -17.233 7.469   -0.302  1.00 0.00 ? 12 DC  A C4     1 
ATOM   366 N N4     . DC  A 1 12 ? -16.969 7.856   0.910   1.00 0.00 ? 12 DC  A N4     1 
ATOM   367 C C5     . DC  A 1 12 ? -17.207 8.401   -1.371  1.00 0.00 ? 12 DC  A C5     1 
ATOM   368 C C6     . DC  A 1 12 ? -17.524 7.937   -2.607  1.00 0.00 ? 12 DC  A C6     1 
ATOM   369 H "H5'"  . DC  A 1 12 ? -16.261 7.577   -7.331  1.00 0.00 ? 12 DC  A "H5'"  1 
ATOM   370 H "H5''" . DC  A 1 12 ? -17.718 8.440   -7.862  1.00 0.00 ? 12 DC  A "H5''" 1 
ATOM   371 H "H4'"  . DC  A 1 12 ? -18.237 6.129   -6.976  1.00 0.00 ? 12 DC  A "H4'"  1 
ATOM   372 H "H3'"  . DC  A 1 12 ? -19.327 8.586   -5.599  1.00 0.00 ? 12 DC  A "H3'"  1 
ATOM   373 H "HO3'" . DC  A 1 12 ? -21.191 7.883   -6.596  1.00 0.00 ? 12 DC  A "HO3'" 1 
ATOM   374 H "H2'"  . DC  A 1 12 ? -20.058 7.431   -3.732  1.00 0.00 ? 12 DC  A "H2'"  1 
ATOM   375 H "H2''" . DC  A 1 12 ? -20.401 5.957   -4.655  1.00 0.00 ? 12 DC  A "H2''" 1 
ATOM   376 H "H1'"  . DC  A 1 12 ? -18.407 5.036   -4.093  1.00 0.00 ? 12 DC  A "H1'"  1 
ATOM   377 H H41    . DC  A 1 12 ? -16.670 8.792   1.086   1.00 0.00 ? 12 DC  A H41    1 
ATOM   378 H H42    . DC  A 1 12 ? -17.004 7.138   1.632   1.00 0.00 ? 12 DC  A H42    1 
ATOM   379 H H5     . DC  A 1 12 ? -16.948 9.440   -1.235  1.00 0.00 ? 12 DC  A H5     1 
ATOM   380 H H6     . DC  A 1 12 ? -17.512 8.604   -3.468  1.00 0.00 ? 12 DC  A H6     1 
ATOM   381 O "O5'"  . DG  B 2 1  ? -19.282 -0.726  8.176   1.00 0.00 ? 13 DG  B "O5'"  1 
ATOM   382 C "C5'"  . DG  B 2 1  ? -19.370 -1.904  7.351   1.00 0.00 ? 13 DG  B "C5'"  1 
ATOM   383 C "C4'"  . DG  B 2 1  ? -18.588 -1.709  6.031   1.00 0.00 ? 13 DG  B "C4'"  1 
ATOM   384 O "O4'"  . DG  B 2 1  ? -18.786 -0.350  5.552   1.00 0.00 ? 13 DG  B "O4'"  1 
ATOM   385 C "C3'"  . DG  B 2 1  ? -17.054 -1.865  6.197   1.00 0.00 ? 13 DG  B "C3'"  1 
ATOM   386 O "O3'"  . DG  B 2 1  ? -16.478 -2.778  5.233   1.00 0.00 ? 13 DG  B "O3'"  1 
ATOM   387 C "C2'"  . DG  B 2 1  ? -16.501 -0.473  5.874   1.00 0.00 ? 13 DG  B "C2'"  1 
ATOM   388 C "C1'"  . DG  B 2 1  ? -17.564 0.086   4.917   1.00 0.00 ? 13 DG  B "C1'"  1 
ATOM   389 N N9     . DG  B 2 1  ? -17.503 1.538   4.764   1.00 0.00 ? 13 DG  B N9     1 
ATOM   390 C C8     . DG  B 2 1  ? -17.385 2.469   5.776   1.00 0.00 ? 13 DG  B C8     1 
ATOM   391 N N7     . DG  B 2 1  ? -17.288 3.792   5.310   1.00 0.00 ? 13 DG  B N7     1 
ATOM   392 C C5     . DG  B 2 1  ? -17.369 3.600   3.920   1.00 0.00 ? 13 DG  B C5     1 
ATOM   393 C C6     . DG  B 2 1  ? -17.387 4.647   2.841   1.00 0.00 ? 13 DG  B C6     1 
ATOM   394 O O6     . DG  B 2 1  ? -17.302 5.904   2.936   1.00 0.00 ? 13 DG  B O6     1 
ATOM   395 N N1     . DG  B 2 1  ? -17.565 4.087   1.593   1.00 0.00 ? 13 DG  B N1     1 
ATOM   396 C C2     . DG  B 2 1  ? -17.708 2.754   1.358   1.00 0.00 ? 13 DG  B C2     1 
ATOM   397 N N2     . DG  B 2 1  ? -17.875 2.388   0.118   1.00 0.00 ? 13 DG  B N2     1 
ATOM   398 N N3     . DG  B 2 1  ? -17.723 1.787   2.274   1.00 0.00 ? 13 DG  B N3     1 
ATOM   399 C C4     . DG  B 2 1  ? -17.516 2.260   3.592   1.00 0.00 ? 13 DG  B C4     1 
ATOM   400 H "H5'"  . DG  B 2 1  ? -20.416 -2.087  7.110   1.00 0.00 ? 13 DG  B "H5'"  1 
ATOM   401 H "H5''" . DG  B 2 1  ? -18.992 -2.775  7.889   1.00 0.00 ? 13 DG  B "H5''" 1 
ATOM   402 H "H4'"  . DG  B 2 1  ? -18.949 -2.416  5.283   1.00 0.00 ? 13 DG  B "H4'"  1 
ATOM   403 H "H3'"  . DG  B 2 1  ? -16.776 -2.176  7.206   1.00 0.00 ? 13 DG  B "H3'"  1 
ATOM   404 H "H2'"  . DG  B 2 1  ? -16.451 0.104   6.793   1.00 0.00 ? 13 DG  B "H2'"  1 
ATOM   405 H "H2''" . DG  B 2 1  ? -15.514 -0.520  5.417   1.00 0.00 ? 13 DG  B "H2''" 1 
ATOM   406 H "H1'"  . DG  B 2 1  ? -17.462 -0.391  3.936   1.00 0.00 ? 13 DG  B "H1'"  1 
ATOM   407 H H8     . DG  B 2 1  ? -17.386 2.211   6.824   1.00 0.00 ? 13 DG  B H8     1 
ATOM   408 H H1     . DG  B 2 1  ? -17.553 4.714   0.816   1.00 0.00 ? 13 DG  B H1     1 
ATOM   409 H H21    . DG  B 2 1  ? -17.888 1.398   -0.058  1.00 0.00 ? 13 DG  B H21    1 
ATOM   410 H H22    . DG  B 2 1  ? -17.873 3.079   -0.630  1.00 0.00 ? 13 DG  B H22    1 
ATOM   411 H "HO5'" . DG  B 2 1  ? -19.373 0.017   7.569   1.00 0.00 ? 13 DG  B "HO5'" 1 
ATOM   412 P P      . DG  B 2 2  ? -16.833 -4.371  5.318   1.00 0.00 ? 14 DG  B P      1 
ATOM   413 O OP1    . DG  B 2 2  ? -18.019 -4.625  6.215   1.00 0.00 ? 14 DG  B OP1    1 
ATOM   414 O OP2    . DG  B 2 2  ? -15.624 -5.141  5.782   1.00 0.00 ? 14 DG  B OP2    1 
ATOM   415 O "O5'"  . DG  B 2 2  ? -17.147 -4.561  3.728   1.00 0.00 ? 14 DG  B "O5'"  1 
ATOM   416 C "C5'"  . DG  B 2 2  ? -16.020 -4.842  2.856   1.00 0.00 ? 14 DG  B "C5'"  1 
ATOM   417 C "C4'"  . DG  B 2 2  ? -16.330 -4.431  1.402   1.00 0.00 ? 14 DG  B "C4'"  1 
ATOM   418 O "O4'"  . DG  B 2 2  ? -16.562 -2.997  1.348   1.00 0.00 ? 14 DG  B "O4'"  1 
ATOM   419 C "C3'"  . DG  B 2 2  ? -15.113 -4.688  0.488   1.00 0.00 ? 14 DG  B "C3'"  1 
ATOM   420 O "O3'"  . DG  B 2 2  ? -15.559 -5.014  -0.858  1.00 0.00 ? 14 DG  B "O3'"  1 
ATOM   421 C "C2'"  . DG  B 2 2  ? -14.394 -3.331  0.503   1.00 0.00 ? 14 DG  B "C2'"  1 
ATOM   422 C "C1'"  . DG  B 2 2  ? -15.541 -2.318  0.580   1.00 0.00 ? 14 DG  B "C1'"  1 
ATOM   423 N N9     . DG  B 2 2  ? -15.139 -1.082  1.244   1.00 0.00 ? 14 DG  B N9     1 
ATOM   424 C C8     . DG  B 2 2  ? -14.935 -0.927  2.600   1.00 0.00 ? 14 DG  B C8     1 
ATOM   425 N N7     . DG  B 2 2  ? -14.603 0.389   2.970   1.00 0.00 ? 14 DG  B N7     1 
ATOM   426 C C5     . DG  B 2 2  ? -14.618 1.031   1.722   1.00 0.00 ? 14 DG  B C5     1 
ATOM   427 C C6     . DG  B 2 2  ? -14.385 2.488   1.434   1.00 0.00 ? 14 DG  B C6     1 
ATOM   428 O O6     . DG  B 2 2  ? -14.169 3.441   2.226   1.00 0.00 ? 14 DG  B O6     1 
ATOM   429 N N1     . DG  B 2 2  ? -14.456 2.760   0.085   1.00 0.00 ? 14 DG  B N1     1 
ATOM   430 C C2     . DG  B 2 2  ? -14.776 1.847   -0.867  1.00 0.00 ? 14 DG  B C2     1 
ATOM   431 N N2     . DG  B 2 2  ? -14.779 2.279   -2.099  1.00 0.00 ? 14 DG  B N2     1 
ATOM   432 N N3     . DG  B 2 2  ? -15.058 0.558   -0.669  1.00 0.00 ? 14 DG  B N3     1 
ATOM   433 C C4     . DG  B 2 2  ? -14.941 0.164   0.690   1.00 0.00 ? 14 DG  B C4     1 
ATOM   434 H "H5'"  . DG  B 2 2  ? -15.791 -5.906  2.910   1.00 0.00 ? 14 DG  B "H5'"  1 
ATOM   435 H "H5''" . DG  B 2 2  ? -15.145 -4.290  3.201   1.00 0.00 ? 14 DG  B "H5''" 1 
ATOM   436 H "H4'"  . DG  B 2 2  ? -17.201 -4.976  1.042   1.00 0.00 ? 14 DG  B "H4'"  1 
ATOM   437 H "H3'"  . DG  B 2 2  ? -14.481 -5.485  0.886   1.00 0.00 ? 14 DG  B "H3'"  1 
ATOM   438 H "H2'"  . DG  B 2 2  ? -13.765 -3.267  1.390   1.00 0.00 ? 14 DG  B "H2'"  1 
ATOM   439 H "H2''" . DG  B 2 2  ? -13.793 -3.176  -0.387  1.00 0.00 ? 14 DG  B "H2''" 1 
ATOM   440 H "H1'"  . DG  B 2 2  ? -15.913 -2.113  -0.426  1.00 0.00 ? 14 DG  B "H1'"  1 
ATOM   441 H H8     . DG  B 2 2  ? -15.087 -1.745  3.295   1.00 0.00 ? 14 DG  B H8     1 
ATOM   442 H H1     . DG  B 2 2  ? -14.248 3.697   -0.192  1.00 0.00 ? 14 DG  B H1     1 
ATOM   443 H H21    . DG  B 2 2  ? -14.881 1.578   -2.806  1.00 0.00 ? 14 DG  B H21    1 
ATOM   444 H H22    . DG  B 2 2  ? -14.466 3.226   -2.313  1.00 0.00 ? 14 DG  B H22    1 
ATOM   445 P P      . DA  B 2 3  ? -14.582 -5.899  -1.839  1.00 0.00 ? 15 DA  B P      1 
ATOM   446 O OP1    . DA  B 2 3  ? -15.371 -6.575  -2.937  1.00 0.00 ? 15 DA  B OP1    1 
ATOM   447 O OP2    . DA  B 2 3  ? -13.755 -6.887  -1.051  1.00 0.00 ? 15 DA  B OP2    1 
ATOM   448 O "O5'"  . DA  B 2 3  ? -13.667 -4.653  -2.382  1.00 0.00 ? 15 DA  B "O5'"  1 
ATOM   449 C "C5'"  . DA  B 2 3  ? -14.213 -3.797  -3.417  1.00 0.00 ? 15 DA  B "C5'"  1 
ATOM   450 C "C4'"  . DA  B 2 3  ? -13.297 -2.593  -3.728  1.00 0.00 ? 15 DA  B "C4'"  1 
ATOM   451 O "O4'"  . DA  B 2 3  ? -13.159 -1.707  -2.589  1.00 0.00 ? 15 DA  B "O4'"  1 
ATOM   452 C "C3'"  . DA  B 2 3  ? -11.857 -2.951  -4.148  1.00 0.00 ? 15 DA  B "C3'"  1 
ATOM   453 O "O3'"  . DA  B 2 3  ? -11.632 -2.388  -5.467  1.00 0.00 ? 15 DA  B "O3'"  1 
ATOM   454 C "C2'"  . DA  B 2 3  ? -10.973 -2.243  -3.103  1.00 0.00 ? 15 DA  B "C2'"  1 
ATOM   455 C "C1'"  . DA  B 2 3  ? -11.862 -1.080  -2.646  1.00 0.00 ? 15 DA  B "C1'"  1 
ATOM   456 N N9     . DA  B 2 3  ? -11.491 -0.526  -1.348  1.00 0.00 ? 15 DA  B N9     1 
ATOM   457 C C8     . DA  B 2 3  ? -11.544 -1.185  -0.143  1.00 0.00 ? 15 DA  B C8     1 
ATOM   458 N N7     . DA  B 2 3  ? -11.323 -0.342  0.957   1.00 0.00 ? 15 DA  B N7     1 
ATOM   459 C C5     . DA  B 2 3  ? -11.205 0.920   0.346   1.00 0.00 ? 15 DA  B C5     1 
ATOM   460 C C6     . DA  B 2 3  ? -11.027 2.247   0.808   1.00 0.00 ? 15 DA  B C6     1 
ATOM   461 N N6     . DA  B 2 3  ? -10.942 2.602   2.076   1.00 0.00 ? 15 DA  B N6     1 
ATOM   462 N N1     . DA  B 2 3  ? -10.976 3.274   -0.034  1.00 0.00 ? 15 DA  B N1     1 
ATOM   463 C C2     . DA  B 2 3  ? -11.087 3.038   -1.337  1.00 0.00 ? 15 DA  B C2     1 
ATOM   464 N N3     . DA  B 2 3  ? -11.254 1.870   -1.942  1.00 0.00 ? 15 DA  B N3     1 
ATOM   465 C C4     . DA  B 2 3  ? -11.313 0.800   -1.033  1.00 0.00 ? 15 DA  B C4     1 
ATOM   466 H "H5'"  . DA  B 2 3  ? -15.185 -3.424  -3.098  1.00 0.00 ? 15 DA  B "H5'"  1 
ATOM   467 H "H5''" . DA  B 2 3  ? -14.351 -4.389  -4.324  1.00 0.00 ? 15 DA  B "H5''" 1 
ATOM   468 H "H4'"  . DA  B 2 3  ? -13.756 -2.024  -4.536  1.00 0.00 ? 15 DA  B "H4'"  1 
ATOM   469 H "H3'"  . DA  B 2 3  ? -11.695 -4.032  -4.149  1.00 0.00 ? 15 DA  B "H3'"  1 
ATOM   470 H "H2'"  . DA  B 2 3  ? -10.785 -2.931  -2.280  1.00 0.00 ? 15 DA  B "H2'"  1 
ATOM   471 H "H2''" . DA  B 2 3  ? -10.029 -1.897  -3.518  1.00 0.00 ? 15 DA  B "H2''" 1 
ATOM   472 H "H1'"  . DA  B 2 3  ? -11.846 -0.297  -3.412  1.00 0.00 ? 15 DA  B "H1'"  1 
ATOM   473 H H8     . DA  B 2 3  ? -11.729 -2.248  -0.070  1.00 0.00 ? 15 DA  B H8     1 
ATOM   474 H H61    . DA  B 2 3  ? -11.045 1.883   2.766   1.00 0.00 ? 15 DA  B H61    1 
ATOM   475 H H62    . DA  B 2 3  ? -10.934 3.587   2.326   1.00 0.00 ? 15 DA  B H62    1 
ATOM   476 H H2     . DA  B 2 3  ? -11.029 3.905   -1.983  1.00 0.00 ? 15 DA  B H2     1 
ATOM   477 P P      . DT  B 2 4  ? -10.344 -2.874  -6.343  1.00 0.00 ? 16 DT  B P      1 
ATOM   478 O OP1    . DT  B 2 4  ? -10.703 -2.882  -7.811  1.00 0.00 ? 16 DT  B OP1    1 
ATOM   479 O OP2    . DT  B 2 4  ? -9.790  -4.195  -5.873  1.00 0.00 ? 16 DT  B OP2    1 
ATOM   480 O "O5'"  . DT  B 2 4  ? -9.362  -1.633  -5.956  1.00 0.00 ? 16 DT  B "O5'"  1 
ATOM   481 C "C5'"  . DT  B 2 4  ? -9.491  -0.427  -6.744  1.00 0.00 ? 16 DT  B "C5'"  1 
ATOM   482 C "C4'"  . DT  B 2 4  ? -8.708  0.728   -6.109  1.00 0.00 ? 16 DT  B "C4'"  1 
ATOM   483 O "O4'"  . DT  B 2 4  ? -9.009  0.864   -4.700  1.00 0.00 ? 16 DT  B "O4'"  1 
ATOM   484 C "C3'"  . DT  B 2 4  ? -7.175  0.590   -6.196  1.00 0.00 ? 16 DT  B "C3'"  1 
ATOM   485 O "O3'"  . DT  B 2 4  ? -6.711  1.531   -7.193  1.00 0.00 ? 16 DT  B "O3'"  1 
ATOM   486 C "C2'"  . DT  B 2 4  ? -6.679  0.979   -4.789  1.00 0.00 ? 16 DT  B "C2'"  1 
ATOM   487 C "C1'"  . DT  B 2 4  ? -7.914  1.563   -4.089  1.00 0.00 ? 16 DT  B "C1'"  1 
ATOM   488 N N1     . DT  B 2 4  ? -7.896  1.382   -2.634  1.00 0.00 ? 16 DT  B N1     1 
ATOM   489 C C2     . DT  B 2 4  ? -7.752  2.516   -1.824  1.00 0.00 ? 16 DT  B C2     1 
ATOM   490 O O2     . DT  B 2 4  ? -7.646  3.697   -2.240  1.00 0.00 ? 16 DT  B O2     1 
ATOM   491 N N3     . DT  B 2 4  ? -7.702  2.309   -0.468  1.00 0.00 ? 16 DT  B N3     1 
ATOM   492 C C4     . DT  B 2 4  ? -7.775  1.089   0.164   1.00 0.00 ? 16 DT  B C4     1 
ATOM   493 O O4     . DT  B 2 4  ? -7.753  1.061   1.420   1.00 0.00 ? 16 DT  B O4     1 
ATOM   494 C C5     . DT  B 2 4  ? -7.891  -0.063  -0.732  1.00 0.00 ? 16 DT  B C5     1 
ATOM   495 C C7     . DT  B 2 4  ? -7.904  -1.473  -0.167  1.00 0.00 ? 16 DT  B C7     1 
ATOM   496 C C6     . DT  B 2 4  ? -7.951  0.116   -2.081  1.00 0.00 ? 16 DT  B C6     1 
ATOM   497 H "H5'"  . DT  B 2 4  ? -10.544 -0.149  -6.798  1.00 0.00 ? 16 DT  B "H5'"  1 
ATOM   498 H "H5''" . DT  B 2 4  ? -9.128  -0.611  -7.755  1.00 0.00 ? 16 DT  B "H5''" 1 
ATOM   499 H "H4'"  . DT  B 2 4  ? -8.997  1.651   -6.612  1.00 0.00 ? 16 DT  B "H4'"  1 
ATOM   500 H "H3'"  . DT  B 2 4  ? -6.879  -0.431  -6.450  1.00 0.00 ? 16 DT  B "H3'"  1 
ATOM   501 H "H2'"  . DT  B 2 4  ? -6.323  0.084   -4.285  1.00 0.00 ? 16 DT  B "H2'"  1 
ATOM   502 H "H2''" . DT  B 2 4  ? -5.884  1.717   -4.821  1.00 0.00 ? 16 DT  B "H2''" 1 
ATOM   503 H "H1'"  . DT  B 2 4  ? -7.994  2.622   -4.354  1.00 0.00 ? 16 DT  B "H1'"  1 
ATOM   504 H H3     . DT  B 2 4  ? -7.602  3.127   0.101   1.00 0.00 ? 16 DT  B H3     1 
ATOM   505 H H71    . DT  B 2 4  ? -7.246  -1.515  0.702   1.00 0.00 ? 16 DT  B H71    1 
ATOM   506 H H72    . DT  B 2 4  ? -7.554  -2.192  -0.906  1.00 0.00 ? 16 DT  B H72    1 
ATOM   507 H H73    . DT  B 2 4  ? -8.909  -1.732  0.158   1.00 0.00 ? 16 DT  B H73    1 
ATOM   508 H H6     . DT  B 2 4  ? -8.055  -0.735  -2.745  1.00 0.00 ? 16 DT  B H6     1 
ATOM   509 P P      . DT  B 2 5  ? -5.189  1.455   -7.796  1.00 0.00 ? 17 DT  B P      1 
ATOM   510 O OP1    . DT  B 2 5  ? -5.215  2.036   -9.188  1.00 0.00 ? 17 DT  B OP1    1 
ATOM   511 O OP2    . DT  B 2 5  ? -4.576  0.075   -7.764  1.00 0.00 ? 17 DT  B OP2    1 
ATOM   512 O "O5'"  . DT  B 2 5  ? -4.543  2.505   -6.728  1.00 0.00 ? 17 DT  B "O5'"  1 
ATOM   513 C "C5'"  . DT  B 2 5  ? -4.762  3.919   -6.981  1.00 0.00 ? 17 DT  B "C5'"  1 
ATOM   514 C "C4'"  . DT  B 2 5  ? -4.290  4.770   -5.796  1.00 0.00 ? 17 DT  B "C4'"  1 
ATOM   515 O "O4'"  . DT  B 2 5  ? -4.906  4.323   -4.568  1.00 0.00 ? 17 DT  B "O4'"  1 
ATOM   516 C "C3'"  . DT  B 2 5  ? -2.784  4.687   -5.523  1.00 0.00 ? 17 DT  B "C3'"  1 
ATOM   517 O "O3'"  . DT  B 2 5  ? -2.082  5.695   -6.295  1.00 0.00 ? 17 DT  B "O3'"  1 
ATOM   518 C "C2'"  . DT  B 2 5  ? -2.718  5.016   -4.022  1.00 0.00 ? 17 DT  B "C2'"  1 
ATOM   519 C "C1'"  . DT  B 2 5  ? -4.129  4.794   -3.451  1.00 0.00 ? 17 DT  B "C1'"  1 
ATOM   520 N N1     . DT  B 2 5  ? -4.143  3.837   -2.344  1.00 0.00 ? 17 DT  B N1     1 
ATOM   521 C C2     . DT  B 2 5  ? -4.202  4.343   -1.038  1.00 0.00 ? 17 DT  B C2     1 
ATOM   522 O O2     . DT  B 2 5  ? -4.182  5.564   -0.739  1.00 0.00 ? 17 DT  B O2     1 
ATOM   523 N N3     . DT  B 2 5  ? -4.261  3.423   -0.020  1.00 0.00 ? 17 DT  B N3     1 
ATOM   524 C C4     . DT  B 2 5  ? -4.271  2.057   -0.177  1.00 0.00 ? 17 DT  B C4     1 
ATOM   525 O O4     . DT  B 2 5  ? -4.403  1.331   0.840   1.00 0.00 ? 17 DT  B O4     1 
ATOM   526 C C5     . DT  B 2 5  ? -4.132  1.592   -1.558  1.00 0.00 ? 17 DT  B C5     1 
ATOM   527 C C7     . DT  B 2 5  ? -4.056  0.105   -1.856  1.00 0.00 ? 17 DT  B C7     1 
ATOM   528 C C6     . DT  B 2 5  ? -4.052  2.482   -2.583  1.00 0.00 ? 17 DT  B C6     1 
ATOM   529 H "H5'"  . DT  B 2 5  ? -5.827  4.097   -7.137  1.00 0.00 ? 17 DT  B "H5'"  1 
ATOM   530 H "H5''" . DT  B 2 5  ? -4.225  4.217   -7.883  1.00 0.00 ? 17 DT  B "H5''" 1 
ATOM   531 H "H4'"  . DT  B 2 5  ? -4.557  5.812   -5.971  1.00 0.00 ? 17 DT  B "H4'"  1 
ATOM   532 H "H3'"  . DT  B 2 5  ? -2.414  3.679   -5.730  1.00 0.00 ? 17 DT  B "H3'"  1 
ATOM   533 H "H2'"  . DT  B 2 5  ? -1.965  4.403   -3.532  1.00 0.00 ? 17 DT  B "H2'"  1 
ATOM   534 H "H2''" . DT  B 2 5  ? -2.469  6.065   -3.891  1.00 0.00 ? 17 DT  B "H2''" 1 
ATOM   535 H "H1'"  . DT  B 2 5  ? -4.548  5.753   -3.133  1.00 0.00 ? 17 DT  B "H1'"  1 
ATOM   536 H H3     . DT  B 2 5  ? -4.247  3.785   0.915   1.00 0.00 ? 17 DT  B H3     1 
ATOM   537 H H71    . DT  B 2 5  ? -5.042  -0.338  -1.731  1.00 0.00 ? 17 DT  B H71    1 
ATOM   538 H H72    . DT  B 2 5  ? -3.696  -0.073  -2.869  1.00 0.00 ? 17 DT  B H72    1 
ATOM   539 H H73    . DT  B 2 5  ? -3.375  -0.366  -1.147  1.00 0.00 ? 17 DT  B H73    1 
ATOM   540 H H6     . DT  B 2 5  ? -3.936  2.139   -3.605  1.00 0.00 ? 17 DT  B H6     1 
ATOM   541 P P      . DC  B 2 6  ? -0.452  5.600   -6.513  1.00 0.00 ? 18 DC  B P      1 
ATOM   542 O OP1    . DC  B 2 6  ? -0.010  6.600   -7.559  1.00 0.00 ? 18 DC  B OP1    1 
ATOM   543 O OP2    . DC  B 2 6  ? 0.021   4.211   -6.862  1.00 0.00 ? 18 DC  B OP2    1 
ATOM   544 O "O5'"  . DC  B 2 6  ? 0.001   6.008   -4.986  1.00 0.00 ? 18 DC  B "O5'"  1 
ATOM   545 C "C5'"  . DC  B 2 6  ? -0.042  7.405   -4.582  1.00 0.00 ? 18 DC  B "C5'"  1 
ATOM   546 C "C4'"  . DC  B 2 6  ? 0.133   7.575   -3.055  1.00 0.00 ? 18 DC  B "C4'"  1 
ATOM   547 O "O4'"  . DC  B 2 6  ? -0.568  6.542   -2.319  1.00 0.00 ? 18 DC  B "O4'"  1 
ATOM   548 C "C3'"  . DC  B 2 6  ? 1.585   7.521   -2.548  1.00 0.00 ? 18 DC  B "C3'"  1 
ATOM   549 O "O3'"  . DC  B 2 6  ? 1.931   8.809   -1.978  1.00 0.00 ? 18 DC  B "O3'"  1 
ATOM   550 C "C2'"  . DC  B 2 6  ? 1.591   6.484   -1.411  1.00 0.00 ? 18 DC  B "C2'"  1 
ATOM   551 C "C1'"  . DC  B 2 6  ? 0.106   6.271   -1.077  1.00 0.00 ? 18 DC  B "C1'"  1 
ATOM   552 N N1     . DC  B 2 6  ? -0.186  4.909   -0.606  1.00 0.00 ? 18 DC  B N1     1 
ATOM   553 C C2     . DC  B 2 6  ? -0.567  4.701   0.729   1.00 0.00 ? 18 DC  B C2     1 
ATOM   554 O O2     . DC  B 2 6  ? -0.647  5.635   1.574   1.00 0.00 ? 18 DC  B O2     1 
ATOM   555 N N3     . DC  B 2 6  ? -0.850  3.458   1.176   1.00 0.00 ? 18 DC  B N3     1 
ATOM   556 C C4     . DC  B 2 6  ? -0.681  2.440   0.367   1.00 0.00 ? 18 DC  B C4     1 
ATOM   557 N N4     . DC  B 2 6  ? -0.896  1.271   0.880   1.00 0.00 ? 18 DC  B N4     1 
ATOM   558 C C5     . DC  B 2 6  ? -0.249  2.572   -0.982  1.00 0.00 ? 18 DC  B C5     1 
ATOM   559 C C6     . DC  B 2 6  ? -0.025  3.829   -1.444  1.00 0.00 ? 18 DC  B C6     1 
ATOM   560 H "H5'"  . DC  B 2 6  ? -1.011  7.816   -4.864  1.00 0.00 ? 18 DC  B "H5'"  1 
ATOM   561 H "H5''" . DC  B 2 6  ? 0.730   7.966   -5.112  1.00 0.00 ? 18 DC  B "H5''" 1 
ATOM   562 H "H4'"  . DC  B 2 6  ? -0.283  8.542   -2.769  1.00 0.00 ? 18 DC  B "H4'"  1 
ATOM   563 H "H3'"  . DC  B 2 6  ? 2.270   7.222   -3.344  1.00 0.00 ? 18 DC  B "H3'"  1 
ATOM   564 H "H2'"  . DC  B 2 6  ? 2.055   5.568   -1.769  1.00 0.00 ? 18 DC  B "H2'"  1 
ATOM   565 H "H2''" . DC  B 2 6  ? 2.144   6.845   -0.542  1.00 0.00 ? 18 DC  B "H2''" 1 
ATOM   566 H "H1'"  . DC  B 2 6  ? -0.210  7.025   -0.350  1.00 0.00 ? 18 DC  B "H1'"  1 
ATOM   567 H H41    . DC  B 2 6  ? -0.334  0.519   0.527   1.00 0.00 ? 18 DC  B H41    1 
ATOM   568 H H42    . DC  B 2 6  ? -1.085  1.306   1.879   1.00 0.00 ? 18 DC  B H42    1 
ATOM   569 H H5     . DC  B 2 6  ? -0.114  1.723   -1.630  1.00 0.00 ? 18 DC  B H5     1 
ATOM   570 H H6     . DC  B 2 6  ? 0.286   3.998   -2.472  1.00 0.00 ? 18 DC  B H6     1 
ATOM   571 P P      . DA  B 2 7  ? 3.236   9.621   -2.538  1.00 0.00 ? 19 DA  B P      1 
ATOM   572 O OP1    . DA  B 2 7  ? 3.271   11.041  -2.027  1.00 0.00 ? 19 DA  B OP1    1 
ATOM   573 O OP2    . DA  B 2 7  ? 3.305   9.595   -4.045  1.00 0.00 ? 19 DA  B OP2    1 
ATOM   574 O "O5'"  . DA  B 2 7  ? 4.348   8.663   -1.810  1.00 0.00 ? 19 DA  B "O5'"  1 
ATOM   575 C "C5'"  . DA  B 2 7  ? 5.214   7.835   -2.629  1.00 0.00 ? 19 DA  B "C5'"  1 
ATOM   576 C "C4'"  . DA  B 2 7  ? 5.920   6.792   -1.742  1.00 0.00 ? 19 DA  B "C4'"  1 
ATOM   577 O "O4'"  . DA  B 2 7  ? 5.081   5.619   -1.580  1.00 0.00 ? 19 DA  B "O4'"  1 
ATOM   578 C "C3'"  . DA  B 2 7  ? 7.226   6.249   -2.353  1.00 0.00 ? 19 DA  B "C3'"  1 
ATOM   579 O "O3'"  . DA  B 2 7  ? 8.377   6.866   -1.721  1.00 0.00 ? 19 DA  B "O3'"  1 
ATOM   580 C "C2'"  . DA  B 2 7  ? 7.176   4.734   -2.070  1.00 0.00 ? 19 DA  B "C2'"  1 
ATOM   581 C "C1'"  . DA  B 2 7  ? 5.917   4.499   -1.228  1.00 0.00 ? 19 DA  B "C1'"  1 
ATOM   582 N N9     . DA  B 2 7  ? 5.286   3.214   -1.519  1.00 0.00 ? 19 DA  B N9     1 
ATOM   583 C C8     . DA  B 2 7  ? 4.429   2.937   -2.561  1.00 0.00 ? 19 DA  B C8     1 
ATOM   584 N N7     . DA  B 2 7  ? 3.937   1.621   -2.526  1.00 0.00 ? 19 DA  B N7     1 
ATOM   585 C C5     . DA  B 2 7  ? 4.528   1.109   -1.350  1.00 0.00 ? 19 DA  B C5     1 
ATOM   586 C C6     . DA  B 2 7  ? 4.491   -0.130  -0.664  1.00 0.00 ? 19 DA  B C6     1 
ATOM   587 N N6     . DA  B 2 7  ? 3.808   -1.193  -1.050  1.00 0.00 ? 19 DA  B N6     1 
ATOM   588 N N1     . DA  B 2 7  ? 5.208   -0.335  0.441   1.00 0.00 ? 19 DA  B N1     1 
ATOM   589 C C2     . DA  B 2 7  ? 5.935   0.665   0.920   1.00 0.00 ? 19 DA  B C2     1 
ATOM   590 N N3     . DA  B 2 7  ? 6.100   1.878   0.409   1.00 0.00 ? 19 DA  B N3     1 
ATOM   591 C C4     . DA  B 2 7  ? 5.341   2.066   -0.761  1.00 0.00 ? 19 DA  B C4     1 
ATOM   592 H "H5'"  . DA  B 2 7  ? 5.951   8.481   -3.108  1.00 0.00 ? 19 DA  B "H5'"  1 
ATOM   593 H "H5''" . DA  B 2 7  ? 4.644   7.323   -3.405  1.00 0.00 ? 19 DA  B "H5''" 1 
ATOM   594 H "H4'"  . DA  B 2 7  ? 6.142   7.229   -0.768  1.00 0.00 ? 19 DA  B "H4'"  1 
ATOM   595 H "H3'"  . DA  B 2 7  ? 7.247   6.430   -3.429  1.00 0.00 ? 19 DA  B "H3'"  1 
ATOM   596 H "H2'"  . DA  B 2 7  ? 7.108   4.227   -3.027  1.00 0.00 ? 19 DA  B "H2'"  1 
ATOM   597 H "H2''" . DA  B 2 7  ? 8.047   4.385   -1.525  1.00 0.00 ? 19 DA  B "H2''" 1 
ATOM   598 H "H1'"  . DA  B 2 7  ? 6.174   4.552   -0.165  1.00 0.00 ? 19 DA  B "H1'"  1 
ATOM   599 H H8     . DA  B 2 7  ? 4.115   3.678   -3.287  1.00 0.00 ? 19 DA  B H8     1 
ATOM   600 H H61    . DA  B 2 7  ? 3.209   -1.100  -1.846  1.00 0.00 ? 19 DA  B H61    1 
ATOM   601 H H62    . DA  B 2 7  ? 3.814   -2.012  -0.452  1.00 0.00 ? 19 DA  B H62    1 
ATOM   602 H H2     . DA  B 2 7  ? 6.489   0.457   1.825   1.00 0.00 ? 19 DA  B H2     1 
ATOM   603 P P      . DT  B 2 8  ? 9.870   6.635   -2.360  1.00 0.00 ? 20 DT  B P      1 
ATOM   604 O OP1    . DT  B 2 8  ? 10.760  7.831   -2.128  1.00 0.00 ? 20 DT  B OP1    1 
ATOM   605 O OP2    . DT  B 2 8  ? 9.804   6.227   -3.815  1.00 0.00 ? 20 DT  B OP2    1 
ATOM   606 O "O5'"  . DT  B 2 8  ? 10.286  5.376   -1.414  1.00 0.00 ? 20 DT  B "O5'"  1 
ATOM   607 C "C5'"  . DT  B 2 8  ? 10.616  5.638   -0.027  1.00 0.00 ? 20 DT  B "C5'"  1 
ATOM   608 C "C4'"  . DT  B 2 8  ? 10.913  4.315   0.695   1.00 0.00 ? 20 DT  B "C4'"  1 
ATOM   609 O "O4'"  . DT  B 2 8  ? 9.833   3.378   0.475   1.00 0.00 ? 20 DT  B "O4'"  1 
ATOM   610 C "C3'"  . DT  B 2 8  ? 12.190  3.623   0.183   1.00 0.00 ? 20 DT  B "C3'"  1 
ATOM   611 O "O3'"  . DT  B 2 8  ? 13.205  3.699   1.218   1.00 0.00 ? 20 DT  B "O3'"  1 
ATOM   612 C "C2'"  . DT  B 2 8  ? 11.772  2.166   -0.076  1.00 0.00 ? 20 DT  B "C2'"  1 
ATOM   613 C "C1'"  . DT  B 2 8  ? 10.350  2.033   0.480   1.00 0.00 ? 20 DT  B "C1'"  1 
ATOM   614 N N1     . DT  B 2 8  ? 9.524   1.135   -0.335  1.00 0.00 ? 20 DT  B N1     1 
ATOM   615 C C2     . DT  B 2 8  ? 9.273   -0.159  0.143   1.00 0.00 ? 20 DT  B C2     1 
ATOM   616 O O2     . DT  B 2 8  ? 9.659   -0.607  1.254   1.00 0.00 ? 20 DT  B O2     1 
ATOM   617 N N3     . DT  B 2 8  ? 8.516   -0.981  -0.658  1.00 0.00 ? 20 DT  B N3     1 
ATOM   618 C C4     . DT  B 2 8  ? 7.996   -0.649  -1.889  1.00 0.00 ? 20 DT  B C4     1 
ATOM   619 O O4     . DT  B 2 8  ? 7.281   -1.485  -2.504  1.00 0.00 ? 20 DT  B O4     1 
ATOM   620 C C5     . DT  B 2 8  ? 8.328   0.696   -2.355  1.00 0.00 ? 20 DT  B C5     1 
ATOM   621 C C7     . DT  B 2 8  ? 7.822   1.176   -3.704  1.00 0.00 ? 20 DT  B C7     1 
ATOM   622 C C6     . DT  B 2 8  ? 9.063   1.537   -1.575  1.00 0.00 ? 20 DT  B C6     1 
ATOM   623 H "H5'"  . DT  B 2 8  ? 9.769   6.126   0.457   1.00 0.00 ? 20 DT  B "H5'"  1 
ATOM   624 H "H5''" . DT  B 2 8  ? 11.481  6.298   0.033   1.00 0.00 ? 20 DT  B "H5''" 1 
ATOM   625 H "H4'"  . DT  B 2 8  ? 11.015  4.499   1.763   1.00 0.00 ? 20 DT  B "H4'"  1 
ATOM   626 H "H3'"  . DT  B 2 8  ? 12.535  4.091   -0.742  1.00 0.00 ? 20 DT  B "H3'"  1 
ATOM   627 H "H2'"  . DT  B 2 8  ? 11.801  1.975   -1.147  1.00 0.00 ? 20 DT  B "H2'"  1 
ATOM   628 H "H2''" . DT  B 2 8  ? 12.424  1.467   0.436   1.00 0.00 ? 20 DT  B "H2''" 1 
ATOM   629 H "H1'"  . DT  B 2 8  ? 10.408  1.691   1.515   1.00 0.00 ? 20 DT  B "H1'"  1 
ATOM   630 H H3     . DT  B 2 8  ? 8.304   -1.887  -0.296  1.00 0.00 ? 20 DT  B H3     1 
ATOM   631 H H71    . DT  B 2 8  ? 7.671   2.250   -3.699  1.00 0.00 ? 20 DT  B H71    1 
ATOM   632 H H72    . DT  B 2 8  ? 8.545   0.912   -4.474  1.00 0.00 ? 20 DT  B H72    1 
ATOM   633 H H73    . DT  B 2 8  ? 6.871   0.695   -3.933  1.00 0.00 ? 20 DT  B H73    1 
ATOM   634 H H6     . DT  B 2 8  ? 9.302   2.537   -1.919  1.00 0.00 ? 20 DT  B H6     1 
ATOM   635 P P      . DG  B 2 9  ? 14.776  3.417   0.836   1.00 0.00 ? 21 DG  B P      1 
ATOM   636 O OP1    . DG  B 2 9  ? 15.656  4.230   1.760   1.00 0.00 ? 21 DG  B OP1    1 
ATOM   637 O OP2    . DG  B 2 9  ? 15.060  3.695   -0.619  1.00 0.00 ? 21 DG  B OP2    1 
ATOM   638 O "O5'"  . DG  B 2 9  ? 14.760  1.827   1.212   1.00 0.00 ? 21 DG  B "O5'"  1 
ATOM   639 C "C5'"  . DG  B 2 9  ? 14.922  1.453   2.604   1.00 0.00 ? 21 DG  B "C5'"  1 
ATOM   640 C "C4'"  . DG  B 2 9  ? 14.772  -0.069  2.787   1.00 0.00 ? 21 DG  B "C4'"  1 
ATOM   641 O "O4'"  . DG  B 2 9  ? 13.491  -0.521  2.287   1.00 0.00 ? 21 DG  B "O4'"  1 
ATOM   642 C "C3'"  . DG  B 2 9  ? 15.823  -0.884  2.023   1.00 0.00 ? 21 DG  B "C3'"  1 
ATOM   643 O "O3'"  . DG  B 2 9  ? 16.920  -1.209  2.912   1.00 0.00 ? 21 DG  B "O3'"  1 
ATOM   644 C "C2'"  . DG  B 2 9  ? 15.070  -2.163  1.626   1.00 0.00 ? 21 DG  B "C2'"  1 
ATOM   645 C "C1'"  . DG  B 2 9  ? 13.571  -1.887  1.828   1.00 0.00 ? 21 DG  B "C1'"  1 
ATOM   646 N N9     . DG  B 2 9  ? 12.825  -2.067  0.588   1.00 0.00 ? 21 DG  B N9     1 
ATOM   647 C C8     . DG  B 2 9  ? 12.765  -1.188  -0.473  1.00 0.00 ? 21 DG  B C8     1 
ATOM   648 N N7     . DG  B 2 9  ? 11.965  -1.654  -1.535  1.00 0.00 ? 21 DG  B N7     1 
ATOM   649 C C5     . DG  B 2 9  ? 11.603  -2.931  -1.067  1.00 0.00 ? 21 DG  B C5     1 
ATOM   650 C C6     . DG  B 2 9  ? 10.767  -3.981  -1.751  1.00 0.00 ? 21 DG  B C6     1 
ATOM   651 O O6     . DG  B 2 9  ? 10.152  -3.941  -2.850  1.00 0.00 ? 21 DG  B O6     1 
ATOM   652 N N1     . DG  B 2 9  ? 10.707  -5.145  -1.017  1.00 0.00 ? 21 DG  B N1     1 
ATOM   653 C C2     . DG  B 2 9  ? 11.299  -5.325  0.191   1.00 0.00 ? 21 DG  B C2     1 
ATOM   654 N N2     . DG  B 2 9  ? 11.146  -6.498  0.739   1.00 0.00 ? 21 DG  B N2     1 
ATOM   655 N N3     . DG  B 2 9  ? 12.011  -4.422  0.870   1.00 0.00 ? 21 DG  B N3     1 
ATOM   656 C C4     . DG  B 2 9  ? 12.141  -3.189  0.184   1.00 0.00 ? 21 DG  B C4     1 
ATOM   657 H "H5'"  . DG  B 2 9  ? 14.163  1.959   3.199   1.00 0.00 ? 21 DG  B "H5'"  1 
ATOM   658 H "H5''" . DG  B 2 9  ? 15.909  1.767   2.948   1.00 0.00 ? 21 DG  B "H5''" 1 
ATOM   659 H "H4'"  . DG  B 2 9  ? 14.848  -0.316  3.844   1.00 0.00 ? 21 DG  B "H4'"  1 
ATOM   660 H "H3'"  . DG  B 2 9  ? 16.162  -0.337  1.139   1.00 0.00 ? 21 DG  B "H3'"  1 
ATOM   661 H "H2'"  . DG  B 2 9  ? 15.298  -2.400  0.592   1.00 0.00 ? 21 DG  B "H2'"  1 
ATOM   662 H "H2''" . DG  B 2 9  ? 15.369  -2.995  2.260   1.00 0.00 ? 21 DG  B "H2''" 1 
ATOM   663 H "H1'"  . DG  B 2 9  ? 13.165  -2.556  2.589   1.00 0.00 ? 21 DG  B "H1'"  1 
ATOM   664 H H8     . DG  B 2 9  ? 13.417  -0.323  -0.504  1.00 0.00 ? 21 DG  B H8     1 
ATOM   665 H H1     . DG  B 2 9  ? 10.170  -5.892  -1.406  1.00 0.00 ? 21 DG  B H1     1 
ATOM   666 H H21    . DG  B 2 9  ? 11.488  -6.604  1.672   1.00 0.00 ? 21 DG  B H21    1 
ATOM   667 H H22    . DG  B 2 9  ? 10.611  -7.226  0.265   1.00 0.00 ? 21 DG  B H22    1 
ATOM   668 P P      . DC  B 2 10 ? 18.375  -1.635  2.285   1.00 0.00 ? 22 DC  B P      1 
ATOM   669 O OP1    . DC  B 2 10 ? 19.421  -1.528  3.373   1.00 0.00 ? 22 DC  B OP1    1 
ATOM   670 O OP2    . DC  B 2 10 ? 18.720  -0.857  1.042   1.00 0.00 ? 22 DC  B OP2    1 
ATOM   671 O "O5'"  . DC  B 2 10 ? 17.991  -3.183  1.898   1.00 0.00 ? 22 DC  B "O5'"  1 
ATOM   672 C "C5'"  . DC  B 2 10 ? 18.052  -4.198  2.930   1.00 0.00 ? 22 DC  B "C5'"  1 
ATOM   673 C "C4'"  . DC  B 2 10 ? 17.570  -5.561  2.392   1.00 0.00 ? 22 DC  B "C4'"  1 
ATOM   674 O "O4'"  . DC  B 2 10 ? 16.261  -5.455  1.777   1.00 0.00 ? 22 DC  B "O4'"  1 
ATOM   675 C "C3'"  . DC  B 2 10 ? 18.481  -6.150  1.309   1.00 0.00 ? 22 DC  B "C3'"  1 
ATOM   676 O "O3'"  . DC  B 2 10 ? 19.455  -7.036  1.921   1.00 0.00 ? 22 DC  B "O3'"  1 
ATOM   677 C "C2'"  . DC  B 2 10 ? 17.514  -6.970  0.442   1.00 0.00 ? 22 DC  B "C2'"  1 
ATOM   678 C "C1'"  . DC  B 2 10 ? 16.108  -6.399  0.692   1.00 0.00 ? 22 DC  B "C1'"  1 
ATOM   679 N N1     . DC  B 2 10 ? 15.549  -5.742  -0.499  1.00 0.00 ? 22 DC  B N1     1 
ATOM   680 C C2     . DC  B 2 10 ? 14.577  -6.401  -1.270  1.00 0.00 ? 22 DC  B C2     1 
ATOM   681 O O2     . DC  B 2 10 ? 14.228  -7.597  -1.059  1.00 0.00 ? 22 DC  B O2     1 
ATOM   682 N N3     . DC  B 2 10 ? 13.964  -5.777  -2.305  1.00 0.00 ? 22 DC  B N3     1 
ATOM   683 C C4     . DC  B 2 10 ? 14.336  -4.544  -2.589  1.00 0.00 ? 22 DC  B C4     1 
ATOM   684 N N4     . DC  B 2 10 ? 13.680  -3.945  -3.538  1.00 0.00 ? 22 DC  B N4     1 
ATOM   685 C C5     . DC  B 2 10 ? 15.370  -3.855  -1.907  1.00 0.00 ? 22 DC  B C5     1 
ATOM   686 C C6     . DC  B 2 10 ? 15.978  -4.493  -0.875  1.00 0.00 ? 22 DC  B C6     1 
ATOM   687 H "H5'"  . DC  B 2 10 ? 17.419  -3.894  3.762   1.00 0.00 ? 22 DC  B "H5'"  1 
ATOM   688 H "H5''" . DC  B 2 10 ? 19.079  -4.287  3.284   1.00 0.00 ? 22 DC  B "H5''" 1 
ATOM   689 H "H4'"  . DC  B 2 10 ? 17.514  -6.271  3.215   1.00 0.00 ? 22 DC  B "H4'"  1 
ATOM   690 H "H3'"  . DC  B 2 10 ? 18.952  -5.349  0.730   1.00 0.00 ? 22 DC  B "H3'"  1 
ATOM   691 H "H2'"  . DC  B 2 10 ? 17.798  -6.896  -0.601  1.00 0.00 ? 22 DC  B "H2'"  1 
ATOM   692 H "H2''" . DC  B 2 10 ? 17.538  -8.016  0.746   1.00 0.00 ? 22 DC  B "H2''" 1 
ATOM   693 H "H1'"  . DC  B 2 10 ? 15.444  -7.202  1.025   1.00 0.00 ? 22 DC  B "H1'"  1 
ATOM   694 H H41    . DC  B 2 10 ? 13.838  -2.973  -3.699  1.00 0.00 ? 22 DC  B H41    1 
ATOM   695 H H42    . DC  B 2 10 ? 12.939  -4.468  -3.996  1.00 0.00 ? 22 DC  B H42    1 
ATOM   696 H H5     . DC  B 2 10 ? 15.688  -2.861  -2.183  1.00 0.00 ? 22 DC  B H5     1 
ATOM   697 H H6     . DC  B 2 10 ? 16.782  -4.011  -0.320  1.00 0.00 ? 22 DC  B H6     1 
ATOM   698 P P      . DG  B 2 11 ? 20.868  -7.329  1.156   1.00 0.00 ? 23 DG  B P      1 
ATOM   699 O OP1    . DG  B 2 11 ? 21.852  -8.003  2.081   1.00 0.00 ? 23 DG  B OP1    1 
ATOM   700 O OP2    . DG  B 2 11 ? 21.470  -6.163  0.424   1.00 0.00 ? 23 DG  B OP2    1 
ATOM   701 O "O5'"  . DG  B 2 11 ? 20.330  -8.415  0.065   1.00 0.00 ? 23 DG  B "O5'"  1 
ATOM   702 C "C5'"  . DG  B 2 11 ? 20.302  -9.806  0.448   1.00 0.00 ? 23 DG  B "C5'"  1 
ATOM   703 C "C4'"  . DG  B 2 11 ? 19.812  -10.650 -0.735  1.00 0.00 ? 23 DG  B "C4'"  1 
ATOM   704 O "O4'"  . DG  B 2 11 ? 18.482  -10.241 -1.117  1.00 0.00 ? 23 DG  B "O4'"  1 
ATOM   705 C "C3'"  . DG  B 2 11 ? 20.661  -10.480 -2.008  1.00 0.00 ? 23 DG  B "C3'"  1 
ATOM   706 O "O3'"  . DG  B 2 11 ? 21.765  -11.403 -2.046  1.00 0.00 ? 23 DG  B "O3'"  1 
ATOM   707 C "C2'"  . DG  B 2 11 ? 19.647  -10.784 -3.114  1.00 0.00 ? 23 DG  B "C2'"  1 
ATOM   708 C "C1'"  . DG  B 2 11 ? 18.299  -10.292 -2.548  1.00 0.00 ? 23 DG  B "C1'"  1 
ATOM   709 N N9     . DG  B 2 11 ? 17.907  -8.982  -3.062  1.00 0.00 ? 23 DG  B N9     1 
ATOM   710 C C8     . DG  B 2 11 ? 18.570  -7.779  -2.908  1.00 0.00 ? 23 DG  B C8     1 
ATOM   711 N N7     . DG  B 2 11 ? 17.992  -6.743  -3.665  1.00 0.00 ? 23 DG  B N7     1 
ATOM   712 C C5     . DG  B 2 11 ? 16.913  -7.393  -4.277  1.00 0.00 ? 23 DG  B C5     1 
ATOM   713 C C6     . DG  B 2 11 ? 15.945  -6.838  -5.284  1.00 0.00 ? 23 DG  B C6     1 
ATOM   714 O O6     . DG  B 2 11 ? 15.848  -5.676  -5.763  1.00 0.00 ? 23 DG  B O6     1 
ATOM   715 N N1     . DG  B 2 11 ? 15.098  -7.819  -5.756  1.00 0.00 ? 23 DG  B N1     1 
ATOM   716 C C2     . DG  B 2 11 ? 15.119  -9.119  -5.364  1.00 0.00 ? 23 DG  B C2     1 
ATOM   717 N N2     . DG  B 2 11 ? 14.286  -9.920  -5.968  1.00 0.00 ? 23 DG  B N2     1 
ATOM   718 N N3     . DG  B 2 11 ? 15.954  -9.668  -4.477  1.00 0.00 ? 23 DG  B N3     1 
ATOM   719 C C4     . DG  B 2 11 ? 16.861  -8.731  -3.920  1.00 0.00 ? 23 DG  B C4     1 
ATOM   720 H "H5'"  . DG  B 2 11 ? 19.632  -9.929  1.298   1.00 0.00 ? 23 DG  B "H5'"  1 
ATOM   721 H "H5''" . DG  B 2 11 ? 21.303  -10.127 0.739   1.00 0.00 ? 23 DG  B "H5''" 1 
ATOM   722 H "H4'"  . DG  B 2 11 ? 19.789  -11.701 -0.451  1.00 0.00 ? 23 DG  B "H4'"  1 
ATOM   723 H "H3'"  . DG  B 2 11 ? 21.014  -9.451  -2.105  1.00 0.00 ? 23 DG  B "H3'"  1 
ATOM   724 H "HO3'" . DG  B 2 11 ? 22.468  -11.026 -1.505  1.00 0.00 ? 23 DG  B "HO3'" 1 
ATOM   725 H "H2'"  . DG  B 2 11 ? 19.913  -10.287 -4.047  1.00 0.00 ? 23 DG  B "H2'"  1 
ATOM   726 H "H2''" . DG  B 2 11 ? 19.599  -11.860 -3.278  1.00 0.00 ? 23 DG  B "H2''" 1 
ATOM   727 H "H1'"  . DG  B 2 11 ? 17.509  -11.004 -2.784  1.00 0.00 ? 23 DG  B "H1'"  1 
ATOM   728 H H8     . DG  B 2 11 ? 19.382  -7.607  -2.209  1.00 0.00 ? 23 DG  B H8     1 
ATOM   729 H H1     . DG  B 2 11 ? 14.424  -7.539  -6.439  1.00 0.00 ? 23 DG  B H1     1 
ATOM   730 H H21    . DG  B 2 11 ? 14.219  -10.858 -5.629  1.00 0.00 ? 23 DG  B H21    1 
ATOM   731 H H22    . DG  B 2 11 ? 13.696  -9.581  -6.728  1.00 0.00 ? 23 DG  B H22    1 
# 
